data_6TAH
#
_entry.id   6TAH
#
_cell.length_a   84.500
_cell.length_b   96.610
_cell.length_c   100.810
_cell.angle_alpha   90.000
_cell.angle_beta   90.000
_cell.angle_gamma   90.000
#
_symmetry.space_group_name_H-M   'P 21 21 21'
#
loop_
_entity.id
_entity.type
_entity.pdbx_description
1 polymer 'Glutathione S-transferase'
2 polymer 'Glutathione S-transferase'
3 polymer 'Glutathione S-transferase'
4 polymer 'Glutathione S-transferase'
5 non-polymer 'OXIDIZED GLUTATHIONE DISULFIDE'
6 non-polymer 1,2-ETHANEDIOL
7 non-polymer GLYCEROL
8 water water
#
loop_
_entity_poly.entity_id
_entity_poly.type
_entity_poly.pdbx_seq_one_letter_code
_entity_poly.pdbx_strand_id
1 'polypeptide(L)'
;GP(MSE)IDLYTAATPNGHKVSIALEE(MSE)GLPYTVHALSFDKKEQKAPEFLRINPNGRIPAIVDRSNDDFAVFESGA
ILVYLAEKTGQL(MSE)PTDVKGRSRVIQWL(MSE)FQ(MSE)GGVGP(MSE)QGQANVFFRYFPEKLQGAIDRYQHETR
RLYEVLDGRLGEAEYLAGDYSIADIATYPWVRIHDWSGVAVDGLDNLQRWIAALEARPAVQRGLLVPRREKEGDDAIR
;
AAA
2 'polypeptide(L)'
;GP(MSE)IDLYTAATPNGHKVSIALEE(MSE)GLPYTVHALSFDKKEQKAPEFLRINPNGRIPAIVDRSNDDFAVFESGA
ILVYLAEKTGQL(MSE)PTDVKGRSRVIQWL(MSE)FQ(MSE)GGVGP(MSE)QGQANVFFRYFPEKLQGAIDRYQHETR
RLYEVLDGRLGEAEYLAGDYSIADIATYPWVRIHDWSGVAVDGLDNLQRWIAALEARPAVQRGLLVPRREKEGDDAI
;
B
3 'polypeptide(L)'
;GP(MSE)IDLYTAATPNGHKVSIALEE(MSE)GLPYTVHALSFDKKEQKAPEFLRINPNGRIPAIVDRSNDDFAVFESGA
ILVYLAEKTGQL(MSE)PTDVKGRSRVIQWL(MSE)FQ(MSE)GGVGP(MSE)QGQANVFFRYFPEKLQGAIDRYQHETR
RLYEVLDGRLGEAEYLAGDYSIADIATYPWVRIHDWSGVAVDGLDNLQRWIAALEARPAVQRGLLVPR
;
CAA
4 'polypeptide(L)'
;P(MSE)IDLYTAATPNGHKVSIALEE(MSE)GLPYTVHALSFDKKEQKAPEFLRINPNGRIPAIVDRSNDDFAVFESGAI
LVYLAEKTGQL(MSE)PTDVKGRSRVIQWL(MSE)FQ(MSE)GGVGP(MSE)QGQANVFFRYFPEKLQGAIDRYQHETRR
LYEVLDGRLGEAEYLAGDYSIADIATYPWVRIHDWSGVAVDGLDNLQRWIAALEARPAVQRGLLVPR
;
DAA
#
loop_
_chem_comp.id
_chem_comp.type
_chem_comp.name
_chem_comp.formula
EDO non-polymer 1,2-ETHANEDIOL 'C2 H6 O2'
GDS non-polymer 'OXIDIZED GLUTATHIONE DISULFIDE' 'C20 H32 N6 O12 S2'
GOL non-polymer GLYCEROL 'C3 H8 O3'
#
# COMPACT_ATOMS: atom_id res chain seq x y z
N GLY A 1 6.58 -12.82 -21.61
CA GLY A 1 6.11 -11.98 -20.46
C GLY A 1 6.43 -10.52 -20.69
N PRO A 2 6.07 -9.65 -19.74
CA PRO A 2 6.26 -8.21 -19.95
C PRO A 2 7.71 -7.86 -20.23
N MSE A 3 7.89 -6.94 -21.17
CA MSE A 3 9.23 -6.55 -21.58
CA MSE A 3 9.21 -6.53 -21.62
C MSE A 3 9.55 -5.11 -21.20
O MSE A 3 10.58 -4.57 -21.61
CB MSE A 3 9.43 -6.78 -23.07
CB MSE A 3 9.28 -6.61 -23.14
CG MSE A 3 9.25 -8.22 -23.47
CG MSE A 3 8.93 -7.97 -23.69
SE MSE A 3 9.49 -8.51 -25.36
SE MSE A 3 10.44 -9.18 -23.48
CE MSE A 3 11.42 -8.72 -25.37
CE MSE A 3 11.29 -8.83 -25.20
H MSE A 3 7.26 -6.55 -21.60
H MSE A 3 7.25 -6.54 -21.58
HA MSE A 3 9.86 -7.11 -21.11
HA MSE A 3 9.86 -7.13 -21.23
HB2 MSE A 3 8.77 -6.25 -23.56
HB2 MSE A 3 8.65 -5.98 -23.52
HB3 MSE A 3 10.33 -6.51 -23.32
HB3 MSE A 3 10.18 -6.40 -23.43
HG2 MSE A 3 9.89 -8.76 -22.99
HG2 MSE A 3 8.17 -8.34 -23.22
HG3 MSE A 3 8.35 -8.51 -23.23
HG3 MSE A 3 8.73 -7.90 -24.65
HE1 MSE A 3 11.72 -8.83 -26.29
HE1 MSE A 3 12.09 -9.38 -25.27
HE2 MSE A 3 11.83 -7.91 -25.00
HE2 MSE A 3 10.67 -9.06 -25.91
HE3 MSE A 3 11.66 -9.49 -24.84
HE3 MSE A 3 11.53 -7.90 -25.25
N ILE A 4 8.67 -4.48 -20.40
CA ILE A 4 8.93 -3.17 -19.82
C ILE A 4 8.93 -3.34 -18.31
N ASP A 5 10.01 -2.92 -17.67
CA ASP A 5 10.06 -2.84 -16.21
CA ASP A 5 10.09 -2.84 -16.20
C ASP A 5 9.88 -1.38 -15.82
N LEU A 6 8.87 -1.12 -15.01
CA LEU A 6 8.50 0.22 -14.57
C LEU A 6 8.88 0.39 -13.12
N TYR A 7 9.75 1.37 -12.86
CA TYR A 7 10.19 1.75 -11.52
C TYR A 7 9.40 2.99 -11.16
N THR A 8 8.59 2.90 -10.11
CA THR A 8 7.56 3.91 -9.89
C THR A 8 7.17 3.98 -8.42
N ALA A 9 6.24 4.90 -8.14
CA ALA A 9 5.64 5.10 -6.83
C ALA A 9 4.32 5.79 -7.09
N ALA A 10 3.43 5.78 -6.11
CA ALA A 10 2.11 6.39 -6.24
C ALA A 10 2.24 7.90 -6.13
N THR A 11 2.46 8.53 -7.28
CA THR A 11 2.70 9.95 -7.39
CA THR A 11 2.71 9.96 -7.38
C THR A 11 2.26 10.41 -8.76
N PRO A 12 1.98 11.71 -8.95
CA PRO A 12 1.59 12.18 -10.30
CA PRO A 12 1.58 12.16 -10.31
C PRO A 12 2.59 11.78 -11.38
N ASN A 13 3.89 11.91 -11.12
CA ASN A 13 4.86 11.61 -12.16
C ASN A 13 4.87 10.13 -12.51
N GLY A 14 4.73 9.25 -11.51
CA GLY A 14 4.63 7.83 -11.83
C GLY A 14 3.35 7.49 -12.57
N HIS A 15 2.26 8.14 -12.19
CA HIS A 15 0.97 7.86 -12.83
C HIS A 15 0.97 8.25 -14.30
N LYS A 16 1.76 9.24 -14.70
CA LYS A 16 1.84 9.54 -16.12
C LYS A 16 2.17 8.29 -16.90
N VAL A 17 3.15 7.54 -16.41
CA VAL A 17 3.68 6.42 -17.18
C VAL A 17 2.77 5.20 -17.09
N SER A 18 2.22 4.90 -15.91
CA SER A 18 1.28 3.80 -15.83
C SER A 18 0.04 4.08 -16.66
N ILE A 19 -0.45 5.33 -16.65
CA ILE A 19 -1.59 5.66 -17.52
C ILE A 19 -1.23 5.41 -18.98
N ALA A 20 -0.07 5.87 -19.42
CA ALA A 20 0.34 5.68 -20.80
C ALA A 20 0.38 4.20 -21.16
N LEU A 21 1.03 3.38 -20.33
CA LEU A 21 1.12 1.95 -20.61
C LEU A 21 -0.25 1.29 -20.66
N GLU A 22 -1.16 1.69 -19.75
CA GLU A 22 -2.52 1.18 -19.78
C GLU A 22 -3.26 1.61 -21.05
N GLU A 23 -3.07 2.86 -21.49
CA GLU A 23 -3.69 3.31 -22.74
C GLU A 23 -3.16 2.54 -23.92
N MSE A 24 -1.87 2.25 -23.92
CA MSE A 24 -1.24 1.57 -25.04
C MSE A 24 -1.48 0.07 -25.06
O MSE A 24 -1.26 -0.57 -26.08
CB MSE A 24 0.26 1.83 -24.98
CG MSE A 24 0.65 3.25 -25.28
SE MSE A 24 2.46 3.66 -24.83
CE MSE A 24 2.41 5.55 -25.22
H MSE A 24 -1.34 2.44 -23.27
HA MSE A 24 -1.62 1.93 -25.85
HB2 MSE A 24 0.59 1.61 -24.10
HB3 MSE A 24 0.69 1.26 -25.65
HG2 MSE A 24 0.52 3.42 -26.22
HG3 MSE A 24 0.07 3.84 -24.76
HE1 MSE A 24 3.28 5.94 -25.04
HE2 MSE A 24 2.18 5.68 -26.15
HE3 MSE A 24 1.75 5.97 -24.65
N GLY A 25 -1.91 -0.49 -23.93
CA GLY A 25 -2.09 -1.93 -23.82
C GLY A 25 -0.78 -2.68 -23.82
N LEU A 26 0.29 -2.06 -23.33
CA LEU A 26 1.60 -2.69 -23.31
C LEU A 26 1.85 -3.23 -21.91
N PRO A 27 1.99 -4.55 -21.74
CA PRO A 27 2.23 -5.09 -20.40
C PRO A 27 3.54 -4.61 -19.79
N TYR A 28 3.57 -4.57 -18.47
CA TYR A 28 4.75 -4.10 -17.76
C TYR A 28 4.81 -4.77 -16.39
N THR A 29 6.04 -4.82 -15.87
CA THR A 29 6.30 -5.33 -14.52
C THR A 29 6.57 -4.15 -13.61
N VAL A 30 5.87 -4.09 -12.48
CA VAL A 30 5.94 -2.96 -11.58
C VAL A 30 7.00 -3.22 -10.52
N HIS A 31 7.88 -2.24 -10.33
CA HIS A 31 8.82 -2.17 -9.22
C HIS A 31 8.45 -0.92 -8.44
N ALA A 32 7.73 -1.09 -7.34
CA ALA A 32 7.29 0.03 -6.51
C ALA A 32 8.38 0.35 -5.51
N LEU A 33 9.00 1.51 -5.64
CA LEU A 33 10.11 1.86 -4.78
C LEU A 33 9.61 2.56 -3.52
N SER A 34 10.22 2.20 -2.39
CA SER A 34 9.89 2.78 -1.09
C SER A 34 10.79 3.97 -0.83
N PHE A 35 10.22 5.16 -0.82
CA PHE A 35 11.00 6.34 -0.43
C PHE A 35 11.45 6.25 1.02
N ASP A 36 10.64 5.65 1.88
CA ASP A 36 11.02 5.54 3.28
C ASP A 36 12.28 4.71 3.45
N LYS A 37 12.46 3.68 2.63
CA LYS A 37 13.67 2.87 2.63
CA LYS A 37 13.68 2.89 2.65
C LYS A 37 14.74 3.44 1.70
N LYS A 38 14.50 4.61 1.12
CA LYS A 38 15.46 5.30 0.25
C LYS A 38 15.86 4.47 -0.96
N GLU A 39 14.94 3.66 -1.47
CA GLU A 39 15.25 2.77 -2.57
C GLU A 39 15.55 3.54 -3.86
N GLN A 40 15.06 4.76 -3.99
CA GLN A 40 15.35 5.57 -5.17
C GLN A 40 16.78 6.12 -5.17
N LYS A 41 17.50 5.99 -4.06
CA LYS A 41 18.88 6.42 -3.97
C LYS A 41 19.84 5.24 -3.87
N ALA A 42 19.34 4.02 -3.97
CA ALA A 42 20.20 2.85 -3.88
C ALA A 42 21.11 2.78 -5.11
N PRO A 43 22.34 2.31 -4.96
CA PRO A 43 23.24 2.25 -6.13
C PRO A 43 22.66 1.50 -7.33
N GLU A 44 21.95 0.40 -7.11
CA GLU A 44 21.40 -0.35 -8.22
C GLU A 44 20.41 0.50 -9.01
N PHE A 45 19.59 1.30 -8.32
CA PHE A 45 18.64 2.12 -9.05
C PHE A 45 19.31 3.32 -9.70
N LEU A 46 20.39 3.85 -9.10
CA LEU A 46 21.08 4.98 -9.71
C LEU A 46 21.70 4.59 -11.05
N ARG A 47 21.98 3.31 -11.28
CA ARG A 47 22.47 2.87 -12.57
C ARG A 47 21.37 2.89 -13.63
N ILE A 48 20.11 2.96 -13.22
CA ILE A 48 18.99 3.14 -14.14
C ILE A 48 18.65 4.60 -14.31
N ASN A 49 18.50 5.34 -13.21
CA ASN A 49 18.27 6.77 -13.24
C ASN A 49 19.30 7.45 -12.35
N PRO A 50 20.32 8.10 -12.91
CA PRO A 50 21.35 8.73 -12.07
C PRO A 50 20.83 9.88 -11.23
N ASN A 51 19.66 10.43 -11.56
CA ASN A 51 18.99 11.45 -10.75
C ASN A 51 18.33 10.87 -9.52
N GLY A 52 18.16 9.56 -9.44
CA GLY A 52 17.58 8.96 -8.26
C GLY A 52 16.14 9.34 -8.03
N ARG A 53 15.34 9.35 -9.08
CA ARG A 53 13.93 9.66 -8.99
C ARG A 53 13.14 8.68 -9.82
N ILE A 54 11.85 8.56 -9.51
CA ILE A 54 10.92 7.81 -10.34
C ILE A 54 10.09 8.78 -11.16
N PRO A 55 9.52 8.36 -12.29
CA PRO A 55 9.62 7.03 -12.88
C PRO A 55 10.87 6.83 -13.71
N ALA A 56 11.16 5.55 -13.94
CA ALA A 56 12.14 5.11 -14.93
C ALA A 56 11.63 3.80 -15.48
N ILE A 57 12.01 3.49 -16.73
CA ILE A 57 11.75 2.17 -17.29
C ILE A 57 13.05 1.53 -17.74
N VAL A 58 13.03 0.21 -17.82
CA VAL A 58 14.02 -0.59 -18.55
C VAL A 58 13.27 -1.38 -19.61
N ASP A 59 13.71 -1.24 -20.85
CA ASP A 59 13.15 -1.96 -21.99
C ASP A 59 13.96 -3.25 -22.16
N ARG A 60 13.35 -4.36 -21.81
CA ARG A 60 14.02 -5.65 -21.89
C ARG A 60 14.13 -6.18 -23.31
N SER A 61 13.48 -5.55 -24.27
CA SER A 61 13.55 -5.96 -25.67
C SER A 61 14.76 -5.39 -26.42
N ASN A 62 15.46 -4.40 -25.89
CA ASN A 62 16.67 -3.88 -26.57
C ASN A 62 17.79 -3.72 -25.55
N ASP A 63 18.20 -4.85 -24.99
CA ASP A 63 19.44 -4.93 -24.22
C ASP A 63 19.32 -4.14 -22.92
N ASP A 64 18.13 -4.20 -22.30
CA ASP A 64 17.88 -3.58 -21.01
C ASP A 64 18.20 -2.08 -21.05
N PHE A 65 17.67 -1.41 -22.07
CA PHE A 65 17.89 0.02 -22.24
C PHE A 65 17.05 0.79 -21.24
N ALA A 66 17.71 1.63 -20.46
CA ALA A 66 17.05 2.45 -19.45
C ALA A 66 16.57 3.77 -20.04
N VAL A 67 15.41 4.22 -19.58
CA VAL A 67 14.89 5.54 -19.91
C VAL A 67 14.41 6.18 -18.62
N PHE A 68 15.01 7.30 -18.25
CA PHE A 68 14.57 8.11 -17.12
C PHE A 68 13.98 9.41 -17.63
N GLU A 69 13.24 10.10 -16.73
CA GLU A 69 12.42 11.29 -16.97
C GLU A 69 11.09 10.90 -17.58
N SER A 70 10.00 11.16 -16.85
CA SER A 70 8.67 10.79 -17.32
C SER A 70 8.42 11.22 -18.76
N GLY A 71 8.75 12.47 -19.11
CA GLY A 71 8.50 12.94 -20.46
C GLY A 71 9.27 12.16 -21.51
N ALA A 72 10.51 11.79 -21.19
CA ALA A 72 11.31 11.01 -22.14
C ALA A 72 10.74 9.60 -22.30
N ILE A 73 10.24 9.02 -21.21
CA ILE A 73 9.63 7.71 -21.26
C ILE A 73 8.38 7.76 -22.12
N LEU A 74 7.58 8.80 -21.96
CA LEU A 74 6.37 8.93 -22.78
C LEU A 74 6.71 9.05 -24.26
N VAL A 75 7.72 9.83 -24.62
CA VAL A 75 8.13 9.92 -26.02
C VAL A 75 8.63 8.56 -26.52
N TYR A 76 9.48 7.91 -25.73
CA TYR A 76 10.04 6.62 -26.13
C TYR A 76 8.93 5.62 -26.42
N LEU A 77 7.96 5.52 -25.52
CA LEU A 77 6.90 4.53 -25.67
C LEU A 77 5.94 4.90 -26.79
N ALA A 78 5.60 6.19 -26.92
CA ALA A 78 4.73 6.61 -28.01
C ALA A 78 5.37 6.29 -29.35
N GLU A 79 6.67 6.52 -29.49
CA GLU A 79 7.35 6.23 -30.75
C GLU A 79 7.37 4.73 -31.01
N LYS A 80 7.63 3.92 -29.97
CA LYS A 80 7.69 2.48 -30.15
CA LYS A 80 7.69 2.48 -30.15
C LYS A 80 6.34 1.94 -30.58
N THR A 81 5.27 2.36 -29.90
CA THR A 81 3.97 1.77 -30.15
C THR A 81 3.23 2.43 -31.30
N GLY A 82 3.67 3.61 -31.72
CA GLY A 82 2.95 4.37 -32.73
C GLY A 82 1.67 5.01 -32.22
N GLN A 83 1.47 5.03 -30.91
CA GLN A 83 0.24 5.54 -30.33
C GLN A 83 0.50 6.85 -29.60
N LEU A 84 -0.54 7.68 -29.54
CA LEU A 84 -0.62 8.83 -28.64
C LEU A 84 0.37 9.94 -29.00
N MSE A 85 0.83 9.96 -30.24
CA MSE A 85 1.57 11.09 -30.80
C MSE A 85 1.60 10.91 -32.31
O MSE A 85 2.04 9.86 -32.78
CB MSE A 85 3.00 11.12 -30.27
CG MSE A 85 3.81 12.28 -30.83
SE MSE A 85 5.47 12.67 -29.92
CE MSE A 85 6.29 10.92 -30.07
H MSE A 85 0.73 9.30 -30.80
HA MSE A 85 1.16 11.92 -30.55
HB2 MSE A 85 2.98 11.20 -29.31
HB3 MSE A 85 3.44 10.30 -30.51
HG2 MSE A 85 4.02 12.08 -31.76
HG3 MSE A 85 3.26 13.09 -30.78
HE1 MSE A 85 7.16 10.95 -29.63
HE2 MSE A 85 5.72 10.27 -29.63
HE3 MSE A 85 6.40 10.71 -31.01
N PRO A 86 1.14 11.91 -33.07
CA PRO A 86 1.20 11.76 -34.53
C PRO A 86 2.63 11.68 -35.05
N THR A 87 2.76 11.18 -36.28
CA THR A 87 4.06 11.04 -36.91
C THR A 87 4.38 12.16 -37.90
N ASP A 88 3.39 12.96 -38.31
CA ASP A 88 3.67 14.09 -39.18
C ASP A 88 4.36 15.19 -38.37
N VAL A 89 5.05 16.09 -39.10
CA VAL A 89 5.91 17.08 -38.45
C VAL A 89 5.11 17.94 -37.48
N LYS A 90 4.01 18.51 -37.95
CA LYS A 90 3.25 19.44 -37.11
C LYS A 90 2.58 18.73 -35.95
N GLY A 91 1.95 17.59 -36.21
CA GLY A 91 1.26 16.88 -35.15
C GLY A 91 2.20 16.37 -34.08
N ARG A 92 3.36 15.83 -34.48
CA ARG A 92 4.36 15.43 -33.51
C ARG A 92 4.82 16.60 -32.68
N SER A 93 5.11 17.73 -33.33
CA SER A 93 5.63 18.87 -32.60
C SER A 93 4.60 19.45 -31.63
N ARG A 94 3.33 19.49 -32.01
CA ARG A 94 2.36 20.03 -31.07
C ARG A 94 2.34 19.20 -29.78
N VAL A 95 2.46 17.87 -29.90
CA VAL A 95 2.52 17.03 -28.72
C VAL A 95 3.77 17.35 -27.90
N ILE A 96 4.92 17.45 -28.55
CA ILE A 96 6.16 17.72 -27.83
CA ILE A 96 6.15 17.71 -27.83
C ILE A 96 6.09 19.08 -27.14
N GLN A 97 5.48 20.08 -27.78
CA GLN A 97 5.37 21.41 -27.19
C GLN A 97 4.58 21.37 -25.88
N TRP A 98 3.40 20.77 -25.91
CA TRP A 98 2.58 20.69 -24.70
C TRP A 98 3.20 19.76 -23.66
N LEU A 99 3.90 18.71 -24.09
CA LEU A 99 4.64 17.89 -23.14
C LEU A 99 5.73 18.70 -22.45
N MSE A 100 6.47 19.50 -23.20
CA MSE A 100 7.50 20.35 -22.60
C MSE A 100 6.89 21.40 -21.67
O MSE A 100 7.49 21.74 -20.63
CB MSE A 100 8.32 21.06 -23.68
CG MSE A 100 9.19 20.13 -24.49
SE MSE A 100 10.50 19.20 -23.41
CE MSE A 100 11.42 18.28 -24.85
H MSE A 100 6.41 19.57 -24.05
HA MSE A 100 8.09 19.79 -22.09
HB2 MSE A 100 7.72 21.50 -24.30
HB3 MSE A 100 8.89 21.71 -23.26
HG2 MSE A 100 8.64 19.47 -24.92
HG3 MSE A 100 9.67 20.65 -25.15
HE1 MSE A 100 12.15 17.74 -24.47
HE2 MSE A 100 10.80 17.71 -25.31
HE3 MSE A 100 11.79 18.94 -25.46
N PHE A 101 5.73 21.93 -22.03
CA PHE A 101 5.05 22.88 -21.16
C PHE A 101 4.75 22.26 -19.80
N GLN A 102 4.31 20.99 -19.79
CA GLN A 102 4.11 20.27 -18.54
C GLN A 102 5.45 20.03 -17.83
N MSE A 103 6.46 19.57 -18.55
CA MSE A 103 7.69 19.12 -17.94
C MSE A 103 8.49 20.29 -17.34
O MSE A 103 9.17 20.11 -16.34
CB MSE A 103 8.54 18.44 -19.00
CG MSE A 103 8.14 17.02 -19.36
SE MSE A 103 8.32 15.78 -17.85
CE MSE A 103 10.21 15.91 -17.69
H MSE A 103 6.45 19.50 -19.40
HA MSE A 103 7.48 18.50 -17.22
HB2 MSE A 103 8.49 18.96 -19.81
HB3 MSE A 103 9.46 18.41 -18.68
HG2 MSE A 103 7.22 17.01 -19.65
HG3 MSE A 103 8.72 16.71 -20.07
HE1 MSE A 103 10.51 15.33 -16.98
HE2 MSE A 103 10.62 15.65 -18.53
HE3 MSE A 103 10.45 16.83 -17.48
N GLY A 104 8.42 21.47 -17.98
CA GLY A 104 9.13 22.64 -17.50
C GLY A 104 8.30 23.60 -16.68
N GLY A 105 6.98 23.47 -16.73
CA GLY A 105 6.08 24.40 -16.10
C GLY A 105 5.20 23.76 -15.06
N VAL A 106 4.19 23.01 -15.51
CA VAL A 106 3.19 22.46 -14.60
C VAL A 106 3.83 21.61 -13.51
N GLY A 107 4.61 20.60 -13.89
CA GLY A 107 5.20 19.72 -12.92
C GLY A 107 6.10 20.44 -11.92
N PRO A 108 7.08 21.20 -12.43
CA PRO A 108 7.99 21.87 -11.49
C PRO A 108 7.28 22.86 -10.59
N MSE A 109 6.39 23.67 -11.14
CA MSE A 109 5.81 24.72 -10.35
C MSE A 109 4.77 24.22 -9.37
O MSE A 109 4.73 24.65 -8.22
CB MSE A 109 5.24 25.80 -11.26
CG MSE A 109 6.28 26.49 -12.09
SE MSE A 109 7.63 27.50 -11.13
CE MSE A 109 9.03 26.14 -11.04
H MSE A 109 6.12 23.62 -11.96
HA MSE A 109 6.51 25.13 -9.82
HB2 MSE A 109 4.60 25.40 -11.87
HB3 MSE A 109 4.80 26.48 -10.72
HG2 MSE A 109 6.75 25.81 -12.61
HG3 MSE A 109 5.84 27.11 -12.69
HE1 MSE A 109 9.79 26.50 -10.55
HE2 MSE A 109 8.69 25.36 -10.58
HE3 MSE A 109 9.30 25.91 -11.94
N GLN A 110 3.88 23.34 -9.82
CA GLN A 110 2.93 22.75 -8.89
C GLN A 110 3.66 21.91 -7.85
N GLY A 111 4.74 21.25 -8.24
CA GLY A 111 5.54 20.53 -7.27
C GLY A 111 6.08 21.43 -6.18
N GLN A 112 6.49 22.65 -6.54
CA GLN A 112 6.98 23.60 -5.55
C GLN A 112 5.84 24.12 -4.69
N ALA A 113 4.65 24.30 -5.27
CA ALA A 113 3.49 24.62 -4.46
C ALA A 113 3.28 23.55 -3.40
N ASN A 114 3.39 22.28 -3.81
CA ASN A 114 3.19 21.20 -2.86
C ASN A 114 4.24 21.25 -1.76
N VAL A 115 5.50 21.49 -2.12
CA VAL A 115 6.55 21.57 -1.12
C VAL A 115 6.22 22.66 -0.10
N PHE A 116 6.00 23.89 -0.57
CA PHE A 116 5.84 24.97 0.40
C PHE A 116 4.51 24.94 1.12
N PHE A 117 3.44 24.55 0.43
CA PHE A 117 2.11 24.51 1.06
C PHE A 117 2.00 23.39 1.97
N ARG A 118 2.70 22.30 1.64
CA ARG A 118 2.41 21.03 2.31
CA ARG A 118 2.42 21.07 2.39
C ARG A 118 3.68 20.17 2.56
N TYR A 119 4.87 20.69 2.67
CA TYR A 119 5.87 19.87 3.20
C TYR A 119 6.99 20.51 3.89
N PHE A 120 7.37 21.68 3.40
CA PHE A 120 8.56 22.40 3.87
C PHE A 120 8.38 22.79 5.35
N PRO A 121 9.39 22.58 6.20
CA PRO A 121 9.19 22.93 7.62
C PRO A 121 8.91 24.40 7.84
N GLU A 122 9.59 25.28 7.09
CA GLU A 122 9.35 26.71 7.24
C GLU A 122 8.06 27.09 6.53
N LYS A 123 7.19 27.81 7.24
CA LYS A 123 5.96 28.33 6.65
CA LYS A 123 5.96 28.34 6.65
C LYS A 123 6.29 29.71 6.07
N LEU A 124 6.40 29.77 4.75
CA LEU A 124 6.83 30.95 4.00
C LEU A 124 5.68 31.34 3.08
N GLN A 125 4.80 32.21 3.57
CA GLN A 125 3.58 32.52 2.81
C GLN A 125 3.90 33.12 1.44
N GLY A 126 4.99 33.89 1.34
CA GLY A 126 5.36 34.45 0.05
C GLY A 126 5.75 33.40 -0.96
N ALA A 127 6.40 32.32 -0.50
CA ALA A 127 6.74 31.23 -1.39
C ALA A 127 5.49 30.42 -1.75
N ILE A 128 4.62 30.17 -0.77
CA ILE A 128 3.37 29.47 -1.06
C ILE A 128 2.58 30.24 -2.11
N ASP A 129 2.42 31.55 -1.90
CA ASP A 129 1.67 32.37 -2.84
C ASP A 129 2.32 32.37 -4.22
N ARG A 130 3.65 32.50 -4.26
CA ARG A 130 4.34 32.46 -5.56
C ARG A 130 3.95 31.24 -6.36
N TYR A 131 4.02 30.05 -5.75
CA TYR A 131 3.85 28.83 -6.53
C TYR A 131 2.38 28.49 -6.76
N GLN A 132 1.50 28.82 -5.83
CA GLN A 132 0.08 28.62 -6.08
C GLN A 132 -0.39 29.56 -7.19
N HIS A 133 0.07 30.81 -7.18
CA HIS A 133 -0.27 31.74 -8.23
CA HIS A 133 -0.29 31.75 -8.24
C HIS A 133 0.28 31.29 -9.59
N GLU A 134 1.53 30.82 -9.62
CA GLU A 134 2.11 30.39 -10.89
C GLU A 134 1.42 29.16 -11.42
N THR A 135 1.07 28.22 -10.53
CA THR A 135 0.33 27.05 -10.99
C THR A 135 -1.00 27.47 -11.61
N ARG A 136 -1.70 28.41 -10.96
CA ARG A 136 -2.95 28.92 -11.53
C ARG A 136 -2.70 29.56 -12.90
N ARG A 137 -1.64 30.36 -13.03
CA ARG A 137 -1.35 30.98 -14.32
C ARG A 137 -1.14 29.91 -15.39
N LEU A 138 -0.41 28.84 -15.05
CA LEU A 138 -0.21 27.76 -16.00
C LEU A 138 -1.52 27.07 -16.34
N TYR A 139 -2.41 26.90 -15.36
CA TYR A 139 -3.73 26.34 -15.65
C TYR A 139 -4.51 27.24 -16.60
N GLU A 140 -4.34 28.56 -16.48
CA GLU A 140 -5.02 29.48 -17.40
C GLU A 140 -4.50 29.32 -18.82
N VAL A 141 -3.21 29.05 -18.97
CA VAL A 141 -2.67 28.75 -20.29
C VAL A 141 -3.33 27.50 -20.87
N LEU A 142 -3.41 26.45 -20.06
CA LEU A 142 -4.09 25.24 -20.50
C LEU A 142 -5.53 25.53 -20.88
N ASP A 143 -6.22 26.32 -20.05
CA ASP A 143 -7.64 26.58 -20.28
C ASP A 143 -7.85 27.30 -21.62
N GLY A 144 -7.00 28.29 -21.91
CA GLY A 144 -7.13 29.00 -23.16
C GLY A 144 -6.93 28.07 -24.35
N ARG A 145 -5.92 27.21 -24.29
CA ARG A 145 -5.69 26.27 -25.37
C ARG A 145 -6.86 25.31 -25.53
N LEU A 146 -7.43 24.86 -24.40
CA LEU A 146 -8.52 23.90 -24.45
C LEU A 146 -9.84 24.55 -24.88
N GLY A 147 -9.86 25.87 -25.06
CA GLY A 147 -10.97 26.49 -25.76
C GLY A 147 -10.83 26.45 -27.25
N GLU A 148 -9.65 26.11 -27.76
CA GLU A 148 -9.45 25.99 -29.20
C GLU A 148 -9.37 24.55 -29.67
N ALA A 149 -9.07 23.60 -28.78
CA ALA A 149 -8.82 22.22 -29.17
C ALA A 149 -9.34 21.33 -28.06
N GLU A 150 -9.82 20.15 -28.44
CA GLU A 150 -10.42 19.26 -27.44
C GLU A 150 -9.39 18.74 -26.45
N TYR A 151 -8.21 18.39 -26.95
CA TYR A 151 -7.06 17.96 -26.17
C TYR A 151 -5.91 18.88 -26.52
N LEU A 152 -4.84 18.85 -25.73
CA LEU A 152 -3.84 19.91 -25.81
C LEU A 152 -3.20 20.00 -27.19
N ALA A 153 -2.94 18.86 -27.83
CA ALA A 153 -2.29 18.86 -29.14
C ALA A 153 -3.27 18.59 -30.27
N GLY A 154 -4.57 18.64 -30.00
CA GLY A 154 -5.58 18.26 -30.97
C GLY A 154 -6.26 16.99 -30.52
N ASP A 155 -5.80 15.86 -31.06
CA ASP A 155 -6.22 14.58 -30.56
C ASP A 155 -5.53 14.29 -29.22
N TYR A 156 -6.16 13.45 -28.40
CA TYR A 156 -5.59 12.99 -27.14
C TYR A 156 -4.21 12.41 -27.38
N SER A 157 -3.29 12.74 -26.48
CA SER A 157 -1.89 12.37 -26.69
C SER A 157 -1.16 12.24 -25.35
N ILE A 158 0.13 11.87 -25.45
CA ILE A 158 0.97 11.83 -24.26
C ILE A 158 1.07 13.17 -23.56
N ALA A 159 0.80 14.29 -24.24
CA ALA A 159 0.81 15.58 -23.55
C ALA A 159 -0.32 15.66 -22.52
N ASP A 160 -1.51 15.17 -22.86
CA ASP A 160 -2.59 15.16 -21.88
C ASP A 160 -2.29 14.23 -20.73
N ILE A 161 -1.74 13.06 -21.04
CA ILE A 161 -1.37 12.07 -20.03
C ILE A 161 -0.33 12.63 -19.07
N ALA A 162 0.63 13.41 -19.57
CA ALA A 162 1.63 14.00 -18.68
C ALA A 162 1.01 15.04 -17.76
N THR A 163 0.01 15.77 -18.24
CA THR A 163 -0.51 16.92 -17.54
C THR A 163 -1.59 16.55 -16.53
N TYR A 164 -2.44 15.60 -16.87
CA TYR A 164 -3.60 15.30 -16.05
C TYR A 164 -3.26 14.89 -14.62
N PRO A 165 -2.28 14.03 -14.35
CA PRO A 165 -2.06 13.63 -12.95
C PRO A 165 -1.73 14.80 -12.04
N TRP A 166 -1.12 15.85 -12.58
CA TRP A 166 -0.89 17.06 -11.80
C TRP A 166 -2.17 17.89 -11.63
N VAL A 167 -2.88 18.15 -12.72
CA VAL A 167 -4.10 18.95 -12.61
C VAL A 167 -5.10 18.28 -11.68
N ARG A 168 -5.15 16.94 -11.72
CA ARG A 168 -6.12 16.21 -10.91
CA ARG A 168 -6.10 16.18 -10.90
C ARG A 168 -5.99 16.55 -9.42
N ILE A 169 -4.79 16.82 -8.95
CA ILE A 169 -4.57 17.07 -7.53
C ILE A 169 -4.52 18.57 -7.21
N HIS A 170 -5.14 19.40 -8.04
CA HIS A 170 -5.07 20.85 -7.84
C HIS A 170 -5.50 21.27 -6.44
N ASP A 171 -6.59 20.70 -5.92
CA ASP A 171 -7.07 21.16 -4.61
C ASP A 171 -6.07 20.84 -3.51
N TRP A 172 -5.41 19.71 -3.62
CA TRP A 172 -4.39 19.33 -2.65
C TRP A 172 -3.24 20.34 -2.65
N SER A 173 -2.91 20.89 -3.80
CA SER A 173 -1.88 21.92 -3.93
C SER A 173 -2.39 23.29 -3.54
N GLY A 174 -3.69 23.43 -3.27
CA GLY A 174 -4.26 24.72 -2.92
C GLY A 174 -4.57 25.61 -4.09
N VAL A 175 -4.83 25.05 -5.27
CA VAL A 175 -5.07 25.81 -6.49
C VAL A 175 -6.46 25.50 -7.01
N ALA A 176 -7.23 26.55 -7.28
CA ALA A 176 -8.59 26.42 -7.76
C ALA A 176 -8.65 26.44 -9.28
N VAL A 177 -9.70 25.81 -9.83
CA VAL A 177 -9.95 25.82 -11.27
C VAL A 177 -11.17 26.67 -11.63
N ASP A 178 -11.76 27.37 -10.67
CA ASP A 178 -12.93 28.18 -10.96
C ASP A 178 -12.62 29.19 -12.05
N GLY A 179 -13.56 29.36 -12.98
CA GLY A 179 -13.38 30.26 -14.11
C GLY A 179 -12.72 29.63 -15.31
N LEU A 180 -12.21 28.40 -15.17
CA LEU A 180 -11.49 27.69 -16.23
C LEU A 180 -12.40 26.57 -16.74
N ASP A 181 -13.36 26.96 -17.54
CA ASP A 181 -14.40 26.02 -17.97
C ASP A 181 -13.85 24.99 -18.96
N ASN A 182 -12.90 25.38 -19.81
CA ASN A 182 -12.34 24.41 -20.76
C ASN A 182 -11.48 23.39 -20.04
N LEU A 183 -10.68 23.84 -19.07
CA LEU A 183 -9.89 22.90 -18.28
C LEU A 183 -10.80 21.95 -17.53
N GLN A 184 -11.93 22.44 -17.02
CA GLN A 184 -12.85 21.55 -16.31
C GLN A 184 -13.44 20.51 -17.24
N ARG A 185 -13.79 20.88 -18.48
CA ARG A 185 -14.27 19.90 -19.44
C ARG A 185 -13.25 18.80 -19.65
N TRP A 186 -11.99 19.20 -19.83
CA TRP A 186 -10.91 18.24 -20.09
C TRP A 186 -10.65 17.36 -18.88
N ILE A 187 -10.73 17.91 -17.67
CA ILE A 187 -10.59 17.11 -16.46
C ILE A 187 -11.65 16.01 -16.45
N ALA A 188 -12.89 16.36 -16.77
CA ALA A 188 -13.95 15.35 -16.77
C ALA A 188 -13.72 14.31 -17.85
N ALA A 189 -13.23 14.71 -19.01
CA ALA A 189 -12.97 13.75 -20.07
C ALA A 189 -11.85 12.79 -19.65
N LEU A 190 -10.77 13.31 -19.09
CA LEU A 190 -9.67 12.45 -18.67
C LEU A 190 -10.12 11.48 -17.59
N GLU A 191 -10.87 11.98 -16.61
CA GLU A 191 -11.34 11.19 -15.48
CA GLU A 191 -11.26 11.16 -15.48
C GLU A 191 -12.14 9.99 -15.93
N ALA A 192 -12.88 10.14 -17.04
CA ALA A 192 -13.76 9.09 -17.50
C ALA A 192 -13.04 7.98 -18.24
N ARG A 193 -11.82 8.19 -18.68
CA ARG A 193 -11.15 7.19 -19.51
C ARG A 193 -10.80 5.95 -18.68
N PRO A 194 -11.23 4.76 -19.10
CA PRO A 194 -10.85 3.57 -18.34
C PRO A 194 -9.35 3.41 -18.10
N ALA A 195 -8.50 3.71 -19.08
CA ALA A 195 -7.06 3.52 -18.86
C ALA A 195 -6.50 4.53 -17.86
N VAL A 196 -7.06 5.73 -17.81
CA VAL A 196 -6.67 6.69 -16.77
C VAL A 196 -6.99 6.10 -15.40
N GLN A 197 -8.21 5.57 -15.23
CA GLN A 197 -8.60 4.95 -13.96
CA GLN A 197 -8.56 4.98 -13.95
C GLN A 197 -7.67 3.80 -13.60
N ARG A 198 -7.34 2.95 -14.58
CA ARG A 198 -6.44 1.83 -14.31
C ARG A 198 -5.05 2.32 -13.92
N GLY A 199 -4.53 3.31 -14.64
CA GLY A 199 -3.17 3.78 -14.40
C GLY A 199 -3.01 4.46 -13.05
N LEU A 200 -4.07 5.10 -12.58
CA LEU A 200 -4.02 5.76 -11.28
C LEU A 200 -3.92 4.80 -10.12
N LEU A 201 -4.17 3.51 -10.34
CA LEU A 201 -4.10 2.51 -9.29
C LEU A 201 -2.72 1.87 -9.18
N VAL A 202 -1.78 2.24 -10.03
CA VAL A 202 -0.47 1.61 -10.13
C VAL A 202 0.58 2.58 -9.59
N PRO A 203 1.41 2.19 -8.62
CA PRO A 203 1.46 0.88 -7.96
C PRO A 203 0.44 0.81 -6.84
N ARG A 204 0.16 -0.40 -6.40
CA ARG A 204 -0.78 -0.64 -5.34
C ARG A 204 -0.51 0.22 -4.12
N ASP A 211 -1.58 8.77 -2.06
CA ASP A 211 -0.31 8.66 -2.78
C ASP A 211 0.85 8.66 -1.79
N ALA A 212 1.99 8.10 -2.24
CA ALA A 212 3.17 8.04 -1.38
C ALA A 212 3.75 9.44 -1.13
N ILE A 213 3.75 10.29 -2.16
CA ILE A 213 4.25 11.65 -2.06
C ILE A 213 3.60 12.43 -3.20
N ARG A 214 3.67 13.75 -3.15
CA ARG A 214 3.17 14.60 -4.21
C ARG A 214 4.06 15.84 -4.24
N GLY B 1 -3.34 10.21 20.21
CA GLY B 1 -4.19 10.86 19.17
C GLY B 1 -5.21 9.83 18.77
N PRO B 2 -4.82 8.89 17.93
CA PRO B 2 -5.33 7.52 18.09
C PRO B 2 -4.73 6.93 19.35
N MSE B 3 -5.50 6.08 20.00
CA MSE B 3 -5.10 5.42 21.23
CA MSE B 3 -5.02 5.44 21.22
C MSE B 3 -4.78 3.95 21.01
O MSE B 3 -4.25 3.29 21.89
CB MSE B 3 -6.25 5.50 22.20
CB MSE B 3 -6.02 5.64 22.36
CG MSE B 3 -7.59 5.33 21.50
CG MSE B 3 -6.08 7.07 22.90
SE MSE B 3 -9.05 5.14 22.73
SE MSE B 3 -4.63 7.58 24.12
CE MSE B 3 -9.46 3.29 22.29
CE MSE B 3 -3.44 8.39 22.80
H MSE B 3 -6.29 5.85 19.74
H MSE B 3 -6.30 5.85 19.75
HA MSE B 3 -4.31 5.85 21.57
HA MSE B 3 -4.20 5.86 21.49
HB2 MSE B 3 -6.15 4.81 22.87
HB2 MSE B 3 -6.90 5.41 22.05
HB3 MSE B 3 -6.23 6.38 22.63
HB3 MSE B 3 -5.76 5.07 23.10
HG2 MSE B 3 -7.75 6.10 20.95
HG2 MSE B 3 -6.04 7.68 22.15
HG3 MSE B 3 -7.55 4.52 20.96
HG3 MSE B 3 -6.91 7.18 23.38
HE1 MSE B 3 -10.23 3.00 22.80
HE1 MSE B 3 -2.62 8.67 23.25
HE2 MSE B 3 -9.64 3.22 21.35
HE2 MSE B 3 -3.24 7.74 22.11
HE3 MSE B 3 -8.70 2.73 22.52
HE3 MSE B 3 -3.89 9.16 22.41
N ILE B 4 -5.15 3.43 19.84
CA ILE B 4 -4.95 2.02 19.51
C ILE B 4 -3.97 1.93 18.35
N ASP B 5 -2.89 1.16 18.54
CA ASP B 5 -1.99 0.80 17.46
C ASP B 5 -2.39 -0.59 16.99
N LEU B 6 -2.78 -0.68 15.73
CA LEU B 6 -3.24 -1.93 15.14
C LEU B 6 -2.17 -2.52 14.22
N TYR B 7 -1.71 -3.72 14.55
CA TYR B 7 -0.76 -4.48 13.75
C TYR B 7 -1.57 -5.48 12.93
N THR B 8 -1.54 -5.35 11.61
CA THR B 8 -2.50 -6.09 10.79
C THR B 8 -1.96 -6.34 9.39
N ALA B 9 -2.79 -7.01 8.60
CA ALA B 9 -2.55 -7.29 7.19
C ALA B 9 -3.92 -7.53 6.56
N ALA B 10 -3.97 -7.51 5.23
CA ALA B 10 -5.23 -7.66 4.49
C ALA B 10 -5.62 -9.14 4.47
N THR B 11 -6.25 -9.57 5.55
CA THR B 11 -6.62 -10.97 5.78
C THR B 11 -7.90 -10.99 6.59
N PRO B 12 -8.62 -12.13 6.59
CA PRO B 12 -9.86 -12.22 7.39
CA PRO B 12 -9.87 -12.15 7.38
C PRO B 12 -9.64 -11.83 8.85
N ASN B 13 -8.58 -12.33 9.44
CA ASN B 13 -8.37 -12.09 10.87
C ASN B 13 -8.04 -10.63 11.14
N GLY B 14 -7.29 -9.97 10.26
CA GLY B 14 -7.06 -8.54 10.44
C GLY B 14 -8.33 -7.76 10.26
N HIS B 15 -9.13 -8.13 9.27
CA HIS B 15 -10.38 -7.43 9.02
C HIS B 15 -11.32 -7.48 10.20
N LYS B 16 -11.31 -8.56 11.00
CA LYS B 16 -12.20 -8.57 12.14
C LYS B 16 -11.97 -7.35 13.00
N VAL B 17 -10.70 -7.01 13.22
CA VAL B 17 -10.37 -5.95 14.17
C VAL B 17 -10.57 -4.56 13.56
N SER B 18 -10.16 -4.35 12.29
CA SER B 18 -10.42 -3.06 11.66
C SER B 18 -11.92 -2.80 11.56
N ILE B 19 -12.71 -3.82 11.22
CA ILE B 19 -14.16 -3.63 11.22
C ILE B 19 -14.66 -3.23 12.59
N ALA B 20 -14.21 -3.92 13.64
CA ALA B 20 -14.66 -3.59 14.98
C ALA B 20 -14.33 -2.14 15.34
N LEU B 21 -13.09 -1.72 15.07
CA LEU B 21 -12.71 -0.36 15.39
C LEU B 21 -13.57 0.65 14.63
N GLU B 22 -13.85 0.36 13.36
CA GLU B 22 -14.68 1.25 12.56
C GLU B 22 -16.11 1.28 13.09
N GLU B 23 -16.65 0.14 13.49
CA GLU B 23 -18.00 0.12 14.05
C GLU B 23 -18.05 0.91 15.35
N MSE B 24 -17.02 0.82 16.15
CA MSE B 24 -17.04 1.44 17.48
C MSE B 24 -16.67 2.91 17.46
O MSE B 24 -16.85 3.61 18.46
CB MSE B 24 -16.09 0.68 18.39
CG MSE B 24 -16.55 -0.72 18.69
SE MSE B 24 -15.21 -1.71 19.65
CE MSE B 24 -16.12 -3.40 19.71
H MSE B 24 -16.28 0.42 15.97
HA MSE B 24 -17.94 1.37 17.83
HB2 MSE B 24 -15.22 0.63 17.96
HB3 MSE B 24 -16.01 1.16 19.23
HG2 MSE B 24 -17.35 -0.69 19.25
HG3 MSE B 24 -16.74 -1.19 17.86
HE1 MSE B 24 -15.57 -4.05 20.20
HE2 MSE B 24 -16.97 -3.29 20.15
HE3 MSE B 24 -16.26 -3.72 18.80
N GLY B 25 -16.15 3.39 16.33
CA GLY B 25 -15.78 4.79 16.25
C GLY B 25 -14.50 5.11 17.01
N LEU B 26 -13.61 4.14 17.14
CA LEU B 26 -12.35 4.38 17.82
C LEU B 26 -11.27 4.68 16.78
N PRO B 27 -10.53 5.78 16.93
CA PRO B 27 -9.39 6.02 16.04
C PRO B 27 -8.26 5.06 16.32
N TYR B 28 -7.47 4.79 15.29
CA TYR B 28 -6.37 3.83 15.42
C TYR B 28 -5.30 4.16 14.40
N THR B 29 -4.08 3.71 14.71
CA THR B 29 -2.92 3.85 13.82
C THR B 29 -2.59 2.48 13.26
N VAL B 30 -2.43 2.39 11.95
CA VAL B 30 -2.24 1.13 11.25
C VAL B 30 -0.75 0.84 11.07
N HIS B 31 -0.33 -0.34 11.51
CA HIS B 31 0.99 -0.92 11.21
C HIS B 31 0.72 -2.12 10.31
N ALA B 32 0.90 -1.95 9.00
CA ALA B 32 0.64 -3.02 8.05
C ALA B 32 1.91 -3.84 7.90
N LEU B 33 1.90 -5.04 8.45
CA LEU B 33 3.09 -5.86 8.44
C LEU B 33 3.19 -6.62 7.12
N SER B 34 4.41 -6.72 6.62
CA SER B 34 4.69 -7.44 5.39
C SER B 34 5.10 -8.86 5.71
N PHE B 35 4.28 -9.83 5.30
CA PHE B 35 4.66 -11.22 5.45
C PHE B 35 5.88 -11.56 4.60
N ASP B 36 6.02 -10.93 3.44
CA ASP B 36 7.17 -11.22 2.58
C ASP B 36 8.48 -10.90 3.28
N LYS B 37 8.51 -9.80 4.03
CA LYS B 37 9.68 -9.40 4.80
CA LYS B 37 9.70 -9.43 4.78
C LYS B 37 9.72 -10.04 6.18
N LYS B 38 8.79 -10.95 6.47
CA LYS B 38 8.73 -11.67 7.74
C LYS B 38 8.67 -10.73 8.95
N GLU B 39 7.98 -9.59 8.78
CA GLU B 39 7.89 -8.62 9.86
C GLU B 39 7.08 -9.14 11.04
N GLN B 40 6.20 -10.11 10.84
CA GLN B 40 5.46 -10.70 11.96
C GLN B 40 6.33 -11.59 12.84
N LYS B 41 7.55 -11.90 12.42
CA LYS B 41 8.47 -12.72 13.20
C LYS B 41 9.63 -11.90 13.76
N ALA B 42 9.62 -10.58 13.55
CA ALA B 42 10.70 -9.74 14.03
C ALA B 42 10.64 -9.62 15.55
N PRO B 43 11.80 -9.51 16.22
CA PRO B 43 11.78 -9.51 17.69
C PRO B 43 10.90 -8.42 18.29
N GLU B 44 10.86 -7.24 17.66
CA GLU B 44 10.06 -6.16 18.22
C GLU B 44 8.56 -6.46 18.13
N PHE B 45 8.13 -7.18 17.10
CA PHE B 45 6.73 -7.59 17.06
C PHE B 45 6.46 -8.77 17.99
N LEU B 46 7.42 -9.69 18.16
CA LEU B 46 7.19 -10.82 19.06
C LEU B 46 7.00 -10.36 20.50
N ARG B 47 7.49 -9.17 20.86
CA ARG B 47 7.26 -8.61 22.19
C ARG B 47 5.81 -8.20 22.39
N ILE B 48 5.07 -8.01 21.29
CA ILE B 48 3.66 -7.66 21.33
C ILE B 48 2.80 -8.91 21.20
N ASN B 49 3.10 -9.75 20.21
CA ASN B 49 2.43 -11.04 20.07
C ASN B 49 3.48 -12.14 20.02
N PRO B 50 3.67 -12.91 21.09
CA PRO B 50 4.71 -13.96 21.05
C PRO B 50 4.46 -15.06 20.03
N ASN B 51 3.22 -15.19 19.55
CA ASN B 51 2.88 -16.13 18.49
C ASN B 51 3.34 -15.63 17.12
N GLY B 52 3.66 -14.35 16.99
CA GLY B 52 4.17 -13.87 15.71
C GLY B 52 3.12 -13.90 14.62
N ARG B 53 1.91 -13.45 14.92
CA ARG B 53 0.84 -13.39 13.95
C ARG B 53 0.05 -12.10 14.15
N ILE B 54 -0.64 -11.70 13.09
CA ILE B 54 -1.57 -10.57 13.18
C ILE B 54 -2.98 -11.11 13.31
N PRO B 55 -3.91 -10.34 13.86
CA PRO B 55 -3.74 -8.98 14.39
C PRO B 55 -3.24 -8.98 15.82
N ALA B 56 -2.70 -7.84 16.22
CA ALA B 56 -2.44 -7.52 17.62
C ALA B 56 -2.63 -6.03 17.77
N ILE B 57 -2.98 -5.61 18.98
CA ILE B 57 -3.03 -4.19 19.27
C ILE B 57 -2.10 -3.87 20.42
N VAL B 58 -1.68 -2.61 20.46
CA VAL B 58 -1.10 -1.99 21.64
C VAL B 58 -2.03 -0.85 22.01
N ASP B 59 -2.55 -0.86 23.24
CA ASP B 59 -3.47 0.17 23.70
C ASP B 59 -2.67 1.27 24.39
N ARG B 60 -2.42 2.35 23.65
CA ARG B 60 -1.63 3.44 24.17
C ARG B 60 -2.36 4.23 25.26
N SER B 61 -3.67 4.04 25.41
CA SER B 61 -4.43 4.68 26.47
C SER B 61 -4.44 3.85 27.76
N ASN B 62 -3.82 2.67 27.75
CA ASN B 62 -3.80 1.76 28.89
C ASN B 62 -2.38 1.28 29.15
N ASP B 63 -1.45 2.23 29.26
CA ASP B 63 -0.05 1.93 29.56
C ASP B 63 0.55 0.97 28.53
N ASP B 64 0.20 1.15 27.26
CA ASP B 64 0.77 0.35 26.17
C ASP B 64 0.51 -1.15 26.36
N PHE B 65 -0.69 -1.49 26.81
CA PHE B 65 -1.05 -2.87 27.05
C PHE B 65 -1.25 -3.58 25.72
N ALA B 66 -0.59 -4.72 25.54
CA ALA B 66 -0.72 -5.51 24.32
C ALA B 66 -1.87 -6.49 24.44
N VAL B 67 -2.59 -6.67 23.34
CA VAL B 67 -3.61 -7.69 23.21
C VAL B 67 -3.38 -8.42 21.89
N PHE B 68 -3.15 -9.73 21.96
CA PHE B 68 -3.07 -10.58 20.78
C PHE B 68 -4.24 -11.55 20.77
N GLU B 69 -4.45 -12.18 19.60
CA GLU B 69 -5.60 -13.01 19.24
C GLU B 69 -6.81 -12.14 18.91
N SER B 70 -7.25 -12.23 17.65
CA SER B 70 -8.37 -11.42 17.19
C SER B 70 -9.55 -11.47 18.15
N GLY B 71 -9.93 -12.66 18.58
CA GLY B 71 -11.10 -12.76 19.43
C GLY B 71 -10.89 -12.09 20.78
N ALA B 72 -9.67 -12.17 21.33
CA ALA B 72 -9.37 -11.47 22.56
C ALA B 72 -9.39 -9.95 22.38
N ILE B 73 -8.94 -9.47 21.23
CA ILE B 73 -8.98 -8.04 20.92
C ILE B 73 -10.43 -7.57 20.85
N LEU B 74 -11.29 -8.35 20.18
CA LEU B 74 -12.69 -7.98 20.08
C LEU B 74 -13.35 -7.88 21.45
N VAL B 75 -13.10 -8.84 22.33
CA VAL B 75 -13.64 -8.77 23.68
C VAL B 75 -13.13 -7.53 24.41
N TYR B 76 -11.80 -7.31 24.34
CA TYR B 76 -11.20 -6.17 25.01
C TYR B 76 -11.83 -4.85 24.56
N LEU B 77 -11.97 -4.68 23.24
CA LEU B 77 -12.52 -3.44 22.71
C LEU B 77 -14.00 -3.31 23.04
N ALA B 78 -14.75 -4.41 22.96
CA ALA B 78 -16.17 -4.34 23.31
C ALA B 78 -16.36 -3.94 24.77
N GLU B 79 -15.53 -4.48 25.68
CA GLU B 79 -15.69 -4.11 27.09
C GLU B 79 -15.29 -2.67 27.32
N LYS B 80 -14.23 -2.22 26.64
CA LYS B 80 -13.75 -0.85 26.80
C LYS B 80 -14.83 0.14 26.42
N THR B 81 -15.54 -0.13 25.33
CA THR B 81 -16.51 0.80 24.77
C THR B 81 -17.93 0.55 25.25
N GLY B 82 -18.21 -0.63 25.76
CA GLY B 82 -19.58 -1.01 26.06
C GLY B 82 -20.42 -1.31 24.84
N GLN B 83 -19.79 -1.47 23.68
CA GLN B 83 -20.52 -1.71 22.44
C GLN B 83 -20.36 -3.16 21.98
N LEU B 84 -21.35 -3.63 21.23
CA LEU B 84 -21.28 -4.85 20.43
C LEU B 84 -21.13 -6.12 21.26
N MSE B 85 -21.58 -6.07 22.50
CA MSE B 85 -21.73 -7.26 23.35
C MSE B 85 -22.58 -6.84 24.54
O MSE B 85 -22.25 -5.85 25.20
CB MSE B 85 -20.37 -7.77 23.81
CG MSE B 85 -20.50 -8.95 24.75
SE MSE B 85 -18.89 -9.95 25.04
CE MSE B 85 -17.77 -8.44 25.73
H MSE B 85 -21.81 -5.35 22.90
HA MSE B 85 -22.14 -7.99 22.86
HB2 MSE B 85 -19.86 -8.05 23.04
HB3 MSE B 85 -19.91 -7.06 24.28
HG2 MSE B 85 -20.80 -8.63 25.62
HG3 MSE B 85 -21.17 -9.56 24.38
HE1 MSE B 85 -16.88 -8.78 25.93
HE2 MSE B 85 -17.71 -7.75 25.05
HE3 MSE B 85 -18.18 -8.08 26.53
N PRO B 86 -23.69 -7.53 24.81
CA PRO B 86 -24.51 -7.16 25.98
C PRO B 86 -23.74 -7.35 27.28
N THR B 87 -24.22 -6.68 28.32
CA THR B 87 -23.62 -6.79 29.65
C THR B 87 -24.36 -7.72 30.58
N ASP B 88 -25.58 -8.14 30.24
CA ASP B 88 -26.25 -9.15 31.06
C ASP B 88 -25.60 -10.52 30.85
N VAL B 89 -25.80 -11.40 31.82
CA VAL B 89 -25.10 -12.70 31.82
C VAL B 89 -25.40 -13.48 30.54
N LYS B 90 -26.67 -13.66 30.21
CA LYS B 90 -27.02 -14.50 29.07
C LYS B 90 -26.61 -13.86 27.76
N GLY B 91 -26.87 -12.56 27.60
CA GLY B 91 -26.53 -11.91 26.34
C GLY B 91 -25.04 -11.88 26.10
N ARG B 92 -24.27 -11.60 27.14
CA ARG B 92 -22.81 -11.64 27.02
C ARG B 92 -22.36 -13.03 26.62
N SER B 93 -22.85 -14.06 27.31
CA SER B 93 -22.41 -15.41 27.03
C SER B 93 -22.77 -15.85 25.63
N ARG B 94 -23.96 -15.48 25.13
CA ARG B 94 -24.29 -15.86 23.77
C ARG B 94 -23.26 -15.32 22.78
N VAL B 95 -22.80 -14.08 22.99
CA VAL B 95 -21.76 -13.51 22.12
C VAL B 95 -20.48 -14.33 22.23
N ILE B 96 -20.05 -14.62 23.47
CA ILE B 96 -18.80 -15.35 23.66
CA ILE B 96 -18.82 -15.36 23.69
C ILE B 96 -18.89 -16.75 23.06
N GLN B 97 -20.05 -17.41 23.16
CA GLN B 97 -20.21 -18.74 22.57
C GLN B 97 -20.01 -18.72 21.06
N TRP B 98 -20.68 -17.78 20.37
CA TRP B 98 -20.54 -17.72 18.91
C TRP B 98 -19.16 -17.20 18.51
N LEU B 99 -18.56 -16.35 19.32
CA LEU B 99 -17.19 -15.95 19.06
C LEU B 99 -16.23 -17.14 19.17
N MSE B 100 -16.41 -17.96 20.19
CA MSE B 100 -15.62 -19.18 20.34
C MSE B 100 -15.84 -20.17 19.19
O MSE B 100 -14.90 -20.81 18.73
CB MSE B 100 -15.91 -19.85 21.67
CG MSE B 100 -15.40 -19.08 22.88
SE MSE B 100 -13.49 -18.74 22.84
CE MSE B 100 -13.37 -17.86 24.56
H MSE B 100 -16.99 -17.86 20.81
HA MSE B 100 -14.67 -18.93 20.32
HB2 MSE B 100 -16.87 -19.93 21.77
HB3 MSE B 100 -15.49 -20.71 21.69
HG2 MSE B 100 -15.84 -18.22 22.92
HG3 MSE B 100 -15.59 -19.58 23.68
HE1 MSE B 100 -12.46 -17.59 24.73
HE2 MSE B 100 -13.94 -17.07 24.55
HE3 MSE B 100 -13.68 -18.47 25.26
N PHE B 101 -17.10 -20.29 18.74
CA PHE B 101 -17.38 -21.14 17.58
C PHE B 101 -16.55 -20.72 16.38
N GLN B 102 -16.45 -19.40 16.17
CA GLN B 102 -15.63 -18.90 15.07
C GLN B 102 -14.15 -19.17 15.34
N MSE B 103 -13.70 -18.88 16.54
CA MSE B 103 -12.29 -18.92 16.86
C MSE B 103 -11.74 -20.33 16.85
O MSE B 103 -10.56 -20.55 16.50
CB MSE B 103 -12.03 -18.30 18.22
CG MSE B 103 -12.10 -16.77 18.24
SE MSE B 103 -10.63 -15.95 17.26
CE MSE B 103 -9.18 -16.61 18.33
H MSE B 103 -14.20 -18.66 17.21
HA MSE B 103 -11.83 -18.40 16.18
HB2 MSE B 103 -12.70 -18.62 18.84
HB3 MSE B 103 -11.15 -18.56 18.53
HG2 MSE B 103 -12.92 -16.48 17.84
HG3 MSE B 103 -12.05 -16.47 19.16
HE1 MSE B 103 -8.34 -16.24 18.00
HE2 MSE B 103 -9.32 -16.35 19.26
HE3 MSE B 103 -9.16 -17.58 18.27
N GLY B 104 -12.56 -21.31 17.24
CA GLY B 104 -12.14 -22.69 17.27
C GLY B 104 -12.56 -23.52 16.09
N GLY B 105 -13.51 -23.03 15.32
CA GLY B 105 -14.12 -23.78 14.23
C GLY B 105 -13.93 -23.12 12.87
N VAL B 106 -14.67 -22.04 12.63
CA VAL B 106 -14.68 -21.43 11.31
C VAL B 106 -13.27 -21.02 10.88
N GLY B 107 -12.61 -20.21 11.70
CA GLY B 107 -11.30 -19.72 11.32
C GLY B 107 -10.30 -20.84 11.09
N PRO B 108 -10.10 -21.70 12.09
CA PRO B 108 -9.11 -22.78 11.89
C PRO B 108 -9.41 -23.67 10.71
N MSE B 109 -10.66 -24.09 10.56
CA MSE B 109 -10.99 -25.08 9.54
C MSE B 109 -10.98 -24.48 8.15
O MSE B 109 -10.45 -25.08 7.22
CB MSE B 109 -12.32 -25.78 9.86
CG MSE B 109 -12.27 -26.52 11.16
SE MSE B 109 -11.11 -28.06 11.19
CE MSE B 109 -9.58 -27.26 12.06
H MSE B 109 -11.33 -23.83 11.03
HA MSE B 109 -10.32 -25.77 9.55
HB2 MSE B 109 -13.01 -25.11 9.92
HB3 MSE B 109 -12.52 -26.40 9.15
HG2 MSE B 109 -11.95 -25.92 11.85
HG3 MSE B 109 -13.16 -26.83 11.36
HE1 MSE B 109 -8.89 -27.93 12.17
HE2 MSE B 109 -9.26 -26.52 11.52
HE3 MSE B 109 -9.86 -26.94 12.94
N GLN B 110 -11.57 -23.30 8.01
CA GLN B 110 -11.53 -22.65 6.70
C GLN B 110 -10.11 -22.27 6.34
N GLY B 111 -9.29 -21.88 7.33
CA GLY B 111 -7.90 -21.62 7.05
C GLY B 111 -7.14 -22.82 6.55
N GLN B 112 -7.48 -24.02 7.06
CA GLN B 112 -6.84 -25.23 6.55
C GLN B 112 -7.33 -25.56 5.15
N ALA B 113 -8.61 -25.28 4.86
CA ALA B 113 -9.07 -25.41 3.48
C ALA B 113 -8.23 -24.54 2.56
N ASN B 114 -7.97 -23.29 2.96
CA ASN B 114 -7.17 -22.41 2.13
C ASN B 114 -5.78 -22.98 1.90
N VAL B 115 -5.16 -23.50 2.96
CA VAL B 115 -3.82 -24.07 2.82
C VAL B 115 -3.81 -25.17 1.77
N PHE B 116 -4.65 -26.18 1.95
CA PHE B 116 -4.56 -27.34 1.07
C PHE B 116 -5.11 -27.07 -0.33
N PHE B 117 -6.11 -26.21 -0.44
CA PHE B 117 -6.71 -25.91 -1.74
C PHE B 117 -5.84 -24.97 -2.57
N ARG B 118 -5.15 -24.03 -1.94
CA ARG B 118 -4.50 -22.95 -2.67
C ARG B 118 -2.99 -22.89 -2.55
N TYR B 119 -2.39 -23.40 -1.47
CA TYR B 119 -0.98 -23.13 -1.22
C TYR B 119 -0.09 -24.36 -1.03
N PHE B 120 -0.62 -25.46 -0.52
CA PHE B 120 0.23 -26.60 -0.19
C PHE B 120 0.83 -27.19 -1.46
N PRO B 121 2.14 -27.50 -1.48
CA PRO B 121 2.75 -27.93 -2.75
C PRO B 121 2.21 -29.26 -3.26
N GLU B 122 2.00 -30.22 -2.38
CA GLU B 122 1.44 -31.50 -2.78
CA GLU B 122 1.43 -31.52 -2.75
C GLU B 122 -0.08 -31.38 -2.86
N LYS B 123 -0.64 -31.89 -3.93
CA LYS B 123 -2.09 -31.95 -4.05
C LYS B 123 -2.55 -33.10 -3.15
N LEU B 124 -3.32 -32.78 -2.10
CA LEU B 124 -3.82 -33.81 -1.17
C LEU B 124 -5.34 -33.73 -1.16
N GLN B 125 -6.00 -34.44 -2.06
CA GLN B 125 -7.45 -34.31 -2.17
C GLN B 125 -8.17 -34.75 -0.91
N GLY B 126 -7.63 -35.73 -0.18
CA GLY B 126 -8.24 -36.13 1.08
C GLY B 126 -8.29 -34.99 2.09
N ALA B 127 -7.22 -34.20 2.15
CA ALA B 127 -7.16 -33.06 3.06
C ALA B 127 -8.03 -31.91 2.55
N ILE B 128 -8.00 -31.64 1.26
CA ILE B 128 -8.87 -30.62 0.69
C ILE B 128 -10.32 -30.95 1.02
N ASP B 129 -10.73 -32.20 0.76
CA ASP B 129 -12.11 -32.58 1.01
C ASP B 129 -12.45 -32.46 2.48
N ARG B 130 -11.53 -32.90 3.34
CA ARG B 130 -11.78 -32.84 4.77
C ARG B 130 -12.14 -31.42 5.18
N TYR B 131 -11.31 -30.45 4.80
CA TYR B 131 -11.49 -29.09 5.29
C TYR B 131 -12.59 -28.33 4.56
N GLN B 132 -12.79 -28.58 3.26
CA GLN B 132 -13.92 -27.96 2.60
C GLN B 132 -15.24 -28.50 3.13
N HIS B 133 -15.33 -29.82 3.34
CA HIS B 133 -16.54 -30.40 3.91
C HIS B 133 -16.79 -29.87 5.31
N GLU B 134 -15.73 -29.77 6.14
CA GLU B 134 -15.94 -29.30 7.49
C GLU B 134 -16.33 -27.83 7.52
N THR B 135 -15.73 -27.02 6.65
CA THR B 135 -16.16 -25.63 6.57
C THR B 135 -17.63 -25.54 6.18
N ARG B 136 -18.04 -26.33 5.18
CA ARG B 136 -19.44 -26.34 4.80
C ARG B 136 -20.33 -26.77 5.96
N ARG B 137 -19.90 -27.77 6.74
CA ARG B 137 -20.69 -28.19 7.89
C ARG B 137 -20.84 -27.04 8.89
N LEU B 138 -19.76 -26.32 9.17
CA LEU B 138 -19.83 -25.17 10.07
C LEU B 138 -20.74 -24.08 9.52
N TYR B 139 -20.71 -23.86 8.21
CA TYR B 139 -21.63 -22.91 7.60
C TYR B 139 -23.08 -23.35 7.77
N GLU B 140 -23.34 -24.66 7.71
CA GLU B 140 -24.69 -25.15 7.95
C GLU B 140 -25.11 -24.89 9.40
N VAL B 141 -24.20 -25.03 10.34
CA VAL B 141 -24.52 -24.66 11.73
C VAL B 141 -24.89 -23.18 11.81
N LEU B 142 -24.06 -22.31 11.21
CA LEU B 142 -24.39 -20.89 11.19
C LEU B 142 -25.76 -20.65 10.56
N ASP B 143 -26.05 -21.32 9.44
CA ASP B 143 -27.31 -21.11 8.75
C ASP B 143 -28.49 -21.50 9.63
N GLY B 144 -28.38 -22.62 10.34
CA GLY B 144 -29.47 -23.00 11.22
C GLY B 144 -29.68 -21.99 12.32
N ARG B 145 -28.59 -21.50 12.91
CA ARG B 145 -28.71 -20.49 13.96
C ARG B 145 -29.36 -19.22 13.42
N LEU B 146 -28.98 -18.82 12.21
CA LEU B 146 -29.49 -17.58 11.61
C LEU B 146 -30.93 -17.71 11.12
N GLY B 147 -31.48 -18.92 11.14
CA GLY B 147 -32.91 -19.07 11.01
C GLY B 147 -33.68 -18.82 12.29
N GLU B 148 -32.97 -18.82 13.42
CA GLU B 148 -33.59 -18.56 14.72
C GLU B 148 -33.40 -17.14 15.20
N ALA B 149 -32.32 -16.48 14.76
CA ALA B 149 -31.96 -15.16 15.25
C ALA B 149 -31.41 -14.37 14.08
N GLU B 150 -31.59 -13.04 14.13
CA GLU B 150 -31.16 -12.21 13.00
C GLU B 150 -29.65 -12.17 12.88
N TYR B 151 -28.95 -12.09 14.01
CA TYR B 151 -27.51 -12.17 14.10
C TYR B 151 -27.17 -13.28 15.08
N LEU B 152 -25.89 -13.68 15.12
CA LEU B 152 -25.55 -14.94 15.76
C LEU B 152 -25.95 -14.97 17.23
N ALA B 153 -25.76 -13.87 17.96
CA ALA B 153 -26.08 -13.83 19.38
C ALA B 153 -27.38 -13.10 19.66
N GLY B 154 -28.17 -12.83 18.62
CA GLY B 154 -29.37 -12.03 18.74
C GLY B 154 -29.20 -10.71 18.01
N ASP B 155 -28.81 -9.68 18.75
CA ASP B 155 -28.40 -8.43 18.14
C ASP B 155 -26.98 -8.55 17.58
N TYR B 156 -26.70 -7.74 16.57
CA TYR B 156 -25.37 -7.67 15.97
C TYR B 156 -24.30 -7.46 17.04
N SER B 157 -23.19 -8.20 16.92
CA SER B 157 -22.19 -8.21 17.97
C SER B 157 -20.82 -8.52 17.38
N ILE B 158 -19.82 -8.53 18.26
CA ILE B 158 -18.49 -8.95 17.85
C ILE B 158 -18.45 -10.38 17.34
N ALA B 159 -19.43 -11.24 17.68
CA ALA B 159 -19.44 -12.58 17.10
C ALA B 159 -19.66 -12.52 15.59
N ASP B 160 -20.55 -11.66 15.12
CA ASP B 160 -20.76 -11.51 13.67
C ASP B 160 -19.53 -10.94 13.01
N ILE B 161 -18.90 -9.95 13.65
CA ILE B 161 -17.71 -9.31 13.12
C ILE B 161 -16.58 -10.30 13.00
N ALA B 162 -16.47 -11.25 13.94
CA ALA B 162 -15.41 -12.24 13.85
C ALA B 162 -15.66 -13.22 12.71
N THR B 163 -16.93 -13.52 12.42
CA THR B 163 -17.27 -14.60 11.52
C THR B 163 -17.35 -14.15 10.06
N TYR B 164 -17.86 -12.95 9.84
CA TYR B 164 -18.08 -12.48 8.48
C TYR B 164 -16.82 -12.45 7.61
N PRO B 165 -15.66 -11.96 8.06
CA PRO B 165 -14.52 -11.89 7.14
C PRO B 165 -14.10 -13.24 6.60
N TRP B 166 -14.39 -14.32 7.32
CA TRP B 166 -14.13 -15.66 6.82
C TRP B 166 -15.22 -16.10 5.85
N VAL B 167 -16.49 -15.98 6.24
CA VAL B 167 -17.55 -16.40 5.33
C VAL B 167 -17.46 -15.65 4.00
N ARG B 168 -17.09 -14.38 4.05
CA ARG B 168 -17.03 -13.57 2.83
CA ARG B 168 -17.02 -13.56 2.84
C ARG B 168 -16.11 -14.17 1.78
N ILE B 169 -15.06 -14.89 2.20
CA ILE B 169 -14.09 -15.42 1.24
C ILE B 169 -14.34 -16.90 0.94
N HIS B 170 -15.58 -17.35 1.10
CA HIS B 170 -15.90 -18.76 0.90
C HIS B 170 -15.47 -19.28 -0.47
N ASP B 171 -15.60 -18.46 -1.52
CA ASP B 171 -15.22 -18.97 -2.84
C ASP B 171 -13.71 -19.16 -2.97
N TRP B 172 -12.91 -18.29 -2.36
CA TRP B 172 -11.46 -18.52 -2.32
C TRP B 172 -11.16 -19.87 -1.70
N SER B 173 -11.92 -20.24 -0.68
CA SER B 173 -11.72 -21.49 0.04
C SER B 173 -12.32 -22.68 -0.67
N GLY B 174 -13.09 -22.45 -1.74
CA GLY B 174 -13.74 -23.52 -2.46
C GLY B 174 -14.95 -24.08 -1.76
N VAL B 175 -15.63 -23.29 -0.93
CA VAL B 175 -16.77 -23.74 -0.13
C VAL B 175 -18.02 -23.02 -0.61
N ALA B 176 -19.05 -23.80 -0.92
CA ALA B 176 -20.28 -23.27 -1.46
C ALA B 176 -21.21 -22.83 -0.34
N VAL B 177 -21.98 -21.76 -0.60
CA VAL B 177 -23.04 -21.36 0.30
C VAL B 177 -24.41 -21.67 -0.26
N ASP B 178 -24.49 -22.44 -1.36
CA ASP B 178 -25.76 -22.79 -1.98
C ASP B 178 -26.70 -23.38 -0.94
N GLY B 179 -27.96 -22.94 -1.00
CA GLY B 179 -28.99 -23.48 -0.14
C GLY B 179 -29.03 -22.89 1.26
N LEU B 180 -28.03 -22.11 1.66
CA LEU B 180 -27.97 -21.56 3.02
C LEU B 180 -28.57 -20.16 3.00
N ASP B 181 -29.90 -20.12 3.03
CA ASP B 181 -30.61 -18.87 2.83
C ASP B 181 -30.42 -17.90 3.97
N ASN B 182 -30.37 -18.41 5.21
CA ASN B 182 -30.20 -17.53 6.36
C ASN B 182 -28.80 -16.95 6.40
N LEU B 183 -27.79 -17.79 6.12
CA LEU B 183 -26.43 -17.30 5.99
C LEU B 183 -26.33 -16.26 4.88
N GLN B 184 -27.04 -16.46 3.77
CA GLN B 184 -26.95 -15.49 2.67
C GLN B 184 -27.62 -14.17 3.05
N ARG B 185 -28.72 -14.23 3.79
CA ARG B 185 -29.33 -13.01 4.32
C ARG B 185 -28.34 -12.24 5.17
N TRP B 186 -27.67 -12.94 6.07
CA TRP B 186 -26.72 -12.31 6.98
C TRP B 186 -25.51 -11.78 6.23
N ILE B 187 -25.05 -12.50 5.21
CA ILE B 187 -23.97 -12.00 4.38
C ILE B 187 -24.35 -10.66 3.78
N ALA B 188 -25.57 -10.57 3.22
CA ALA B 188 -26.03 -9.33 2.61
C ALA B 188 -26.13 -8.20 3.65
N ALA B 189 -26.60 -8.52 4.86
CA ALA B 189 -26.70 -7.51 5.90
C ALA B 189 -25.31 -6.99 6.28
N LEU B 190 -24.37 -7.90 6.52
CA LEU B 190 -23.01 -7.48 6.88
C LEU B 190 -22.38 -6.63 5.77
N GLU B 191 -22.52 -7.08 4.51
CA GLU B 191 -21.89 -6.38 3.41
CA GLU B 191 -21.94 -6.39 3.37
C GLU B 191 -22.39 -4.95 3.30
N ALA B 192 -23.64 -4.70 3.68
CA ALA B 192 -24.23 -3.37 3.56
C ALA B 192 -23.78 -2.40 4.64
N ARG B 193 -23.19 -2.87 5.72
CA ARG B 193 -22.85 -1.98 6.83
C ARG B 193 -21.68 -1.09 6.44
N PRO B 194 -21.82 0.24 6.54
CA PRO B 194 -20.69 1.13 6.20
C PRO B 194 -19.40 0.79 6.94
N ALA B 195 -19.46 0.45 8.23
CA ALA B 195 -18.22 0.15 8.97
C ALA B 195 -17.56 -1.13 8.47
N VAL B 196 -18.35 -2.12 8.03
CA VAL B 196 -17.77 -3.31 7.44
C VAL B 196 -17.02 -2.95 6.17
N GLN B 197 -17.64 -2.12 5.32
CA GLN B 197 -16.98 -1.68 4.10
CA GLN B 197 -16.95 -1.73 4.11
C GLN B 197 -15.68 -0.94 4.42
N ARG B 198 -15.70 -0.06 5.42
CA ARG B 198 -14.49 0.67 5.76
C ARG B 198 -13.42 -0.26 6.30
N GLY B 199 -13.82 -1.18 7.18
CA GLY B 199 -12.83 -2.05 7.79
C GLY B 199 -12.17 -2.99 6.82
N LEU B 200 -12.89 -3.39 5.77
CA LEU B 200 -12.34 -4.29 4.77
C LEU B 200 -11.28 -3.62 3.91
N LEU B 201 -11.14 -2.30 3.97
CA LEU B 201 -10.13 -1.58 3.22
C LEU B 201 -8.85 -1.34 4.02
N VAL B 202 -8.74 -1.92 5.20
CA VAL B 202 -7.61 -1.70 6.10
C VAL B 202 -6.80 -2.98 6.16
N PRO B 203 -5.50 -2.95 5.90
CA PRO B 203 -4.68 -1.76 5.61
C PRO B 203 -4.82 -1.21 4.19
N ARG B 204 -5.32 -2.02 3.27
CA ARG B 204 -5.64 -1.56 1.93
C ARG B 204 -6.69 -2.49 1.37
N ARG B 205 -7.36 -2.05 0.31
CA ARG B 205 -8.23 -2.96 -0.43
C ARG B 205 -7.46 -4.23 -0.75
N GLU B 206 -8.05 -5.37 -0.44
CA GLU B 206 -7.30 -6.60 -0.58
C GLU B 206 -7.22 -7.04 -2.04
N LYS B 207 -6.32 -7.98 -2.30
CA LYS B 207 -6.20 -8.62 -3.60
C LYS B 207 -5.88 -10.08 -3.38
N GLU B 208 -6.24 -10.90 -4.37
CA GLU B 208 -5.97 -12.33 -4.30
C GLU B 208 -4.49 -12.57 -4.01
N GLY B 209 -4.22 -13.41 -3.02
CA GLY B 209 -2.87 -13.73 -2.63
C GLY B 209 -2.36 -13.03 -1.40
N ASP B 210 -3.16 -12.12 -0.82
CA ASP B 210 -2.73 -11.39 0.37
C ASP B 210 -2.57 -12.30 1.58
N ASP B 211 -3.10 -13.52 1.56
CA ASP B 211 -2.88 -14.49 2.63
C ASP B 211 -1.72 -15.42 2.32
N ALA B 212 -0.91 -15.12 1.30
CA ALA B 212 0.28 -15.90 1.00
C ALA B 212 1.38 -15.55 2.00
N ILE B 213 1.97 -16.56 2.62
CA ILE B 213 2.86 -16.35 3.76
C ILE B 213 4.14 -17.17 3.62
N GLY C 1 12.99 36.36 -46.93
CA GLY C 1 13.95 36.36 -45.79
C GLY C 1 14.15 35.00 -45.18
N PRO C 2 14.73 34.97 -43.98
CA PRO C 2 14.90 33.72 -43.24
C PRO C 2 13.60 32.93 -43.11
N MSE C 3 13.74 31.63 -43.02
CA MSE C 3 12.57 30.82 -42.84
C MSE C 3 12.21 30.63 -41.36
O MSE C 3 11.12 30.14 -41.08
CB MSE C 3 12.69 29.49 -43.57
CG MSE C 3 13.25 29.62 -44.99
SE MSE C 3 12.15 30.69 -46.20
CE MSE C 3 10.43 30.13 -45.59
H MSE C 3 14.49 31.20 -43.04
HA MSE C 3 11.82 31.29 -43.24
HB2 MSE C 3 13.30 28.91 -43.07
HB3 MSE C 3 11.81 29.08 -43.63
HG2 MSE C 3 14.12 30.04 -44.94
HG3 MSE C 3 13.33 28.73 -45.38
HE1 MSE C 3 10.31 30.43 -44.67
HE2 MSE C 3 9.74 30.52 -46.15
HE3 MSE C 3 10.38 29.16 -45.62
N ILE C 4 13.06 31.04 -40.43
CA ILE C 4 12.78 30.93 -38.99
C ILE C 4 12.71 32.31 -38.36
N ASP C 5 11.59 32.63 -37.71
CA ASP C 5 11.47 33.82 -36.88
CA ASP C 5 11.47 33.82 -36.88
C ASP C 5 11.67 33.39 -35.43
N LEU C 6 12.61 34.03 -34.75
CA LEU C 6 12.96 33.72 -33.37
C LEU C 6 12.51 34.86 -32.47
N TYR C 7 11.65 34.52 -31.51
CA TYR C 7 11.18 35.46 -30.49
C TYR C 7 11.95 35.15 -29.21
N THR C 8 12.72 36.12 -28.73
CA THR C 8 13.73 35.80 -27.72
C THR C 8 14.08 37.01 -26.87
N ALA C 9 15.00 36.79 -25.94
CA ALA C 9 15.56 37.80 -25.06
C ALA C 9 16.87 37.23 -24.54
N ALA C 10 17.73 38.10 -23.99
CA ALA C 10 19.06 37.71 -23.53
C ALA C 10 18.93 36.98 -22.21
N THR C 11 18.73 35.67 -22.28
CA THR C 11 18.41 34.81 -21.15
C THR C 11 18.93 33.42 -21.45
N PRO C 12 19.08 32.57 -20.43
CA PRO C 12 19.55 31.20 -20.73
CA PRO C 12 19.56 31.21 -20.73
C PRO C 12 18.66 30.46 -21.70
N ASN C 13 17.34 30.58 -21.55
CA ASN C 13 16.44 29.83 -22.41
C ASN C 13 16.44 30.36 -23.84
N GLY C 14 16.56 31.68 -24.03
CA GLY C 14 16.70 32.21 -25.38
C GLY C 14 18.01 31.77 -26.03
N HIS C 15 19.09 31.77 -25.26
CA HIS C 15 20.39 31.39 -25.79
C HIS C 15 20.42 29.93 -26.24
N LYS C 16 19.65 29.03 -25.62
CA LYS C 16 19.60 27.67 -26.12
C LYS C 16 19.29 27.67 -27.61
N VAL C 17 18.30 28.46 -28.01
CA VAL C 17 17.80 28.39 -29.37
C VAL C 17 18.71 29.13 -30.33
N SER C 18 19.22 30.32 -29.95
CA SER C 18 20.15 31.00 -30.85
C SER C 18 21.44 30.19 -31.05
N ILE C 19 21.92 29.54 -29.99
CA ILE C 19 23.07 28.64 -30.15
C ILE C 19 22.74 27.54 -31.17
N ALA C 20 21.60 26.88 -31.02
CA ALA C 20 21.26 25.80 -31.94
C ALA C 20 21.18 26.30 -33.38
N LEU C 21 20.54 27.46 -33.59
CA LEU C 21 20.44 27.97 -34.95
C LEU C 21 21.81 28.30 -35.53
N GLU C 22 22.69 28.86 -34.70
CA GLU C 22 24.05 29.14 -35.16
C GLU C 22 24.82 27.86 -35.47
N GLU C 23 24.67 26.83 -34.63
CA GLU C 23 25.33 25.56 -34.90
C GLU C 23 24.84 24.94 -36.19
N MSE C 24 23.55 25.10 -36.48
CA MSE C 24 22.94 24.41 -37.62
C MSE C 24 23.09 25.18 -38.91
O MSE C 24 22.81 24.66 -39.99
CB MSE C 24 21.48 24.17 -37.34
CG MSE C 24 21.23 23.24 -36.20
SE MSE C 24 19.41 23.12 -35.67
CE MSE C 24 19.57 21.86 -34.21
H MSE C 24 23.01 25.58 -36.02
HA MSE C 24 23.40 23.57 -37.72
HB2 MSE C 24 21.05 25.01 -37.13
HB3 MSE C 24 21.07 23.78 -38.13
HG2 MSE C 24 21.52 22.35 -36.46
HG3 MSE C 24 21.74 23.53 -35.44
HE1 MSE C 24 18.69 21.70 -33.83
HE2 MSE C 24 19.94 21.03 -34.55
HE3 MSE C 24 20.17 22.23 -33.54
N GLY C 25 23.54 26.42 -38.81
CA GLY C 25 23.70 27.24 -39.98
C GLY C 25 22.41 27.69 -40.61
N LEU C 26 21.34 27.74 -39.83
CA LEU C 26 20.04 28.16 -40.31
C LEU C 26 19.89 29.66 -40.16
N PRO C 27 19.53 30.39 -41.21
CA PRO C 27 19.25 31.81 -41.03
CA PRO C 27 19.24 31.82 -41.05
C PRO C 27 17.96 32.03 -40.26
N TYR C 28 17.90 33.15 -39.55
CA TYR C 28 16.75 33.44 -38.71
C TYR C 28 16.58 34.94 -38.57
N THR C 29 15.37 35.33 -38.20
CA THR C 29 15.02 36.72 -37.93
C THR C 29 14.74 36.89 -36.45
N VAL C 30 15.39 37.86 -35.84
CA VAL C 30 15.33 38.05 -34.40
C VAL C 30 14.22 39.05 -34.07
N HIS C 31 13.33 38.65 -33.19
CA HIS C 31 12.34 39.51 -32.55
C HIS C 31 12.73 39.54 -31.09
N ALA C 32 13.42 40.61 -30.66
CA ALA C 32 13.90 40.73 -29.29
C ALA C 32 12.79 41.37 -28.46
N LEU C 33 12.12 40.57 -27.63
CA LEU C 33 10.97 41.09 -26.91
C LEU C 33 11.42 41.79 -25.64
N SER C 34 10.77 42.90 -25.34
CA SER C 34 11.09 43.72 -24.18
C SER C 34 10.20 43.30 -23.02
N PHE C 35 10.79 42.65 -22.02
CA PHE C 35 10.03 42.36 -20.81
C PHE C 35 9.64 43.64 -20.09
N ASP C 36 10.49 44.66 -20.16
CA ASP C 36 10.16 45.96 -19.59
C ASP C 36 8.80 46.45 -20.09
N LYS C 37 8.55 46.32 -21.39
CA LYS C 37 7.30 46.76 -22.00
C LYS C 37 6.26 45.63 -22.03
N LYS C 38 6.53 44.52 -21.35
CA LYS C 38 5.62 43.36 -21.29
C LYS C 38 5.24 42.83 -22.67
N GLU C 39 6.16 42.89 -23.62
CA GLU C 39 5.85 42.44 -24.97
C GLU C 39 5.61 40.93 -25.05
N GLN C 40 6.15 40.16 -24.12
CA GLN C 40 5.92 38.73 -24.08
C GLN C 40 4.50 38.39 -23.65
N LYS C 41 3.73 39.35 -23.16
CA LYS C 41 2.37 39.13 -22.75
C LYS C 41 1.37 39.72 -23.73
N ALA C 42 1.84 40.31 -24.83
CA ALA C 42 0.94 40.88 -25.83
C ALA C 42 0.16 39.77 -26.51
N PRO C 43 -1.16 39.92 -26.69
CA PRO C 43 -1.91 38.84 -27.36
C PRO C 43 -1.37 38.47 -28.73
N GLU C 44 -0.74 39.39 -29.46
CA GLU C 44 -0.13 39.01 -30.74
C GLU C 44 0.96 37.97 -30.54
N PHE C 45 1.70 38.05 -29.45
CA PHE C 45 2.69 37.03 -29.15
C PHE C 45 2.06 35.81 -28.51
N LEU C 46 0.99 35.97 -27.73
CA LEU C 46 0.33 34.81 -27.12
C LEU C 46 -0.21 33.86 -28.18
N ARG C 47 -0.52 34.36 -29.37
CA ARG C 47 -0.93 33.48 -30.45
CA ARG C 47 -0.93 33.49 -30.47
C ARG C 47 0.19 32.52 -30.84
N ILE C 48 1.44 32.93 -30.65
CA ILE C 48 2.59 32.10 -30.95
C ILE C 48 2.96 31.23 -29.75
N ASN C 49 3.07 31.84 -28.57
CA ASN C 49 3.29 31.10 -27.33
C ASN C 49 2.23 31.48 -26.32
N PRO C 50 1.23 30.63 -26.09
CA PRO C 50 0.18 31.00 -25.12
C PRO C 50 0.68 31.15 -23.69
N ASN C 51 1.86 30.62 -23.37
CA ASN C 51 2.46 30.83 -22.06
C ASN C 51 3.04 32.23 -21.89
N GLY C 52 3.21 32.99 -22.98
CA GLY C 52 3.73 34.34 -22.82
C GLY C 52 5.16 34.38 -22.31
N ARG C 53 6.00 33.51 -22.83
CA ARG C 53 7.40 33.46 -22.47
C ARG C 53 8.21 33.25 -23.73
N ILE C 54 9.50 33.58 -23.65
CA ILE C 54 10.44 33.28 -24.73
C ILE C 54 11.29 32.09 -24.32
N PRO C 55 11.87 31.34 -25.25
CA PRO C 55 11.80 31.55 -26.71
C PRO C 55 10.57 30.90 -27.33
N ALA C 56 10.27 31.37 -28.53
CA ALA C 56 9.35 30.71 -29.45
C ALA C 56 9.88 30.95 -30.85
N ILE C 57 9.52 30.07 -31.78
CA ILE C 57 9.83 30.29 -33.18
C ILE C 57 8.57 30.18 -34.01
N VAL C 58 8.62 30.78 -35.20
CA VAL C 58 7.68 30.53 -36.27
C VAL C 58 8.48 30.05 -37.47
N ASP C 59 8.12 28.89 -38.01
CA ASP C 59 8.77 28.34 -39.19
C ASP C 59 7.99 28.81 -40.40
N ARG C 60 8.57 29.76 -41.13
CA ARG C 60 7.90 30.33 -42.30
C ARG C 60 7.86 29.35 -43.47
N SER C 61 8.71 28.32 -43.47
CA SER C 61 8.68 27.34 -44.54
C SER C 61 7.56 26.32 -44.39
N ASN C 62 6.89 26.31 -43.25
CA ASN C 62 5.93 25.31 -42.85
C ASN C 62 4.57 25.95 -42.58
N ASP C 63 4.15 26.88 -43.41
CA ASP C 63 2.89 27.59 -43.22
C ASP C 63 2.84 28.31 -41.87
N ASP C 64 3.95 28.98 -41.53
CA ASP C 64 4.04 29.79 -40.30
C ASP C 64 3.70 28.98 -39.05
N PHE C 65 4.34 27.82 -38.93
CA PHE C 65 4.06 26.91 -37.83
C PHE C 65 4.81 27.38 -36.59
N ALA C 66 4.07 27.59 -35.51
CA ALA C 66 4.67 28.04 -34.26
C ALA C 66 5.18 26.87 -33.43
N VAL C 67 6.30 27.09 -32.77
CA VAL C 67 6.86 26.14 -31.80
C VAL C 67 7.26 26.93 -30.56
N PHE C 68 6.66 26.62 -29.41
CA PHE C 68 7.05 27.22 -28.14
C PHE C 68 7.65 26.13 -27.24
N GLU C 69 8.32 26.59 -26.18
CA GLU C 69 9.15 25.80 -25.26
C GLU C 69 10.52 25.51 -25.86
N SER C 70 11.57 25.99 -25.21
CA SER C 70 12.92 25.84 -25.76
C SER C 70 13.23 24.39 -26.12
N GLY C 71 12.89 23.45 -25.23
CA GLY C 71 13.19 22.05 -25.51
C GLY C 71 12.48 21.54 -26.74
N ALA C 72 11.23 21.95 -26.92
CA ALA C 72 10.48 21.52 -28.09
C ALA C 72 11.02 22.15 -29.36
N ILE C 73 11.50 23.40 -29.27
CA ILE C 73 12.12 24.06 -30.42
C ILE C 73 13.40 23.34 -30.80
N LEU C 74 14.20 22.95 -29.80
CA LEU C 74 15.44 22.23 -30.09
C LEU C 74 15.17 20.92 -30.81
N VAL C 75 14.16 20.17 -30.33
CA VAL C 75 13.81 18.93 -31.00
C VAL C 75 13.32 19.20 -32.42
N TYR C 76 12.45 20.20 -32.58
CA TYR C 76 11.91 20.52 -33.90
C TYR C 76 13.02 20.85 -34.88
N LEU C 77 13.97 21.69 -34.44
CA LEU C 77 15.04 22.10 -35.33
C LEU C 77 16.01 20.96 -35.62
N ALA C 78 16.32 20.13 -34.61
CA ALA C 78 17.21 18.99 -34.85
C ALA C 78 16.60 18.02 -35.86
N GLU C 79 15.29 17.80 -35.74
CA GLU C 79 14.61 16.90 -36.67
C GLU C 79 14.48 17.51 -38.05
N LYS C 80 14.30 18.83 -38.12
CA LYS C 80 14.21 19.50 -39.42
C LYS C 80 15.54 19.41 -40.18
N THR C 81 16.66 19.62 -39.49
CA THR C 81 17.97 19.68 -40.12
C THR C 81 18.73 18.37 -40.09
N GLY C 82 18.29 17.41 -39.28
CA GLY C 82 19.05 16.20 -39.11
C GLY C 82 20.34 16.37 -38.33
N GLN C 83 20.51 17.50 -37.66
CA GLN C 83 21.74 17.78 -36.91
C GLN C 83 21.47 17.69 -35.42
N LEU C 84 22.50 17.27 -34.67
CA LEU C 84 22.56 17.44 -33.23
C LEU C 84 21.60 16.54 -32.47
N MSE C 85 21.18 15.45 -33.11
CA MSE C 85 20.45 14.37 -32.42
C MSE C 85 20.54 13.16 -33.35
O MSE C 85 20.18 13.28 -34.52
CB MSE C 85 18.99 14.70 -32.16
CG MSE C 85 18.28 13.60 -31.37
SE MSE C 85 16.56 14.11 -30.68
CE MSE C 85 15.80 14.86 -32.26
H MSE C 85 21.28 15.31 -33.94
HA MSE C 85 20.84 14.21 -31.54
HB2 MSE C 85 18.94 15.52 -31.65
HB3 MSE C 85 18.53 14.81 -33.00
HG2 MSE C 85 18.15 12.84 -31.94
HG3 MSE C 85 18.83 13.36 -30.61
HE1 MSE C 85 14.90 15.18 -32.06
HE2 MSE C 85 16.36 15.60 -32.56
HE3 MSE C 85 15.76 14.17 -32.95
N PRO C 86 20.98 12.01 -32.84
CA PRO C 86 21.07 10.82 -33.70
C PRO C 86 19.68 10.34 -34.12
N THR C 87 19.66 9.49 -35.16
CA THR C 87 18.40 8.93 -35.64
C THR C 87 18.04 7.58 -35.03
N ASP C 88 19.00 6.86 -34.46
CA ASP C 88 18.73 5.54 -33.93
C ASP C 88 17.98 5.63 -32.60
N VAL C 89 17.26 4.56 -32.26
CA VAL C 89 16.36 4.59 -31.11
C VAL C 89 17.10 4.98 -29.83
N LYS C 90 18.20 4.30 -29.53
CA LYS C 90 18.88 4.56 -28.26
C LYS C 90 19.54 5.93 -28.27
N GLY C 91 20.19 6.28 -29.38
CA GLY C 91 20.89 7.55 -29.44
C GLY C 91 19.95 8.74 -29.33
N ARG C 92 18.81 8.67 -30.02
CA ARG C 92 17.84 9.75 -29.88
C ARG C 92 17.25 9.79 -28.49
N SER C 93 16.97 8.63 -27.90
CA SER C 93 16.41 8.63 -26.56
C SER C 93 17.39 9.22 -25.54
N ARG C 94 18.68 8.91 -25.66
CA ARG C 94 19.63 9.50 -24.73
CA ARG C 94 19.66 9.50 -24.76
C ARG C 94 19.60 11.02 -24.81
N VAL C 95 19.49 11.57 -26.01
CA VAL C 95 19.36 13.02 -26.15
C VAL C 95 18.08 13.51 -25.45
N ILE C 96 16.94 12.85 -25.72
CA ILE C 96 15.68 13.29 -25.14
C ILE C 96 15.73 13.19 -23.61
N GLN C 97 16.31 12.12 -23.07
CA GLN C 97 16.41 11.96 -21.63
C GLN C 97 17.18 13.11 -20.98
N TRP C 98 18.38 13.43 -21.49
CA TRP C 98 19.15 14.52 -20.89
C TRP C 98 18.50 15.87 -21.16
N LEU C 99 17.79 16.02 -22.28
CA LEU C 99 17.04 17.24 -22.52
C LEU C 99 15.93 17.40 -21.49
N MSE C 100 15.20 16.33 -21.19
CA MSE C 100 14.15 16.36 -20.21
C MSE C 100 14.72 16.64 -18.82
O MSE C 100 14.12 17.35 -18.03
CB MSE C 100 13.40 15.04 -20.20
CG MSE C 100 12.55 14.81 -21.42
SE MSE C 100 11.21 16.22 -21.69
CE MSE C 100 10.36 15.44 -23.27
H MSE C 100 15.31 15.55 -21.56
HA MSE C 100 13.53 17.06 -20.43
HB2 MSE C 100 14.04 14.32 -20.15
HB3 MSE C 100 12.81 15.03 -19.43
HG2 MSE C 100 13.12 14.79 -22.20
HG3 MSE C 100 12.08 13.97 -21.33
HE1 MSE C 100 9.64 16.02 -23.55
HE2 MSE C 100 11.02 15.36 -23.97
HE3 MSE C 100 10.00 14.57 -23.03
N PHE C 101 15.89 16.06 -18.51
CA PHE C 101 16.54 16.36 -17.24
C PHE C 101 16.78 17.86 -17.09
N GLN C 102 17.23 18.50 -18.16
CA GLN C 102 17.43 19.95 -18.14
C GLN C 102 16.10 20.67 -18.00
N MSE C 103 15.11 20.27 -18.78
CA MSE C 103 13.85 20.98 -18.85
C MSE C 103 13.01 20.87 -17.57
O MSE C 103 12.29 21.81 -17.22
CB MSE C 103 13.03 20.46 -20.01
CG MSE C 103 13.54 20.90 -21.38
SE MSE C 103 13.26 22.80 -21.72
CE MSE C 103 11.35 22.85 -21.58
H MSE C 103 15.14 19.58 -19.30
HA MSE C 103 14.05 21.92 -18.97
HB2 MSE C 103 13.06 19.48 -20.00
HB3 MSE C 103 12.12 20.76 -19.92
HG2 MSE C 103 14.49 20.74 -21.43
HG3 MSE C 103 13.07 20.41 -22.06
HE1 MSE C 103 11.04 23.75 -21.77
HE2 MSE C 103 10.97 22.22 -22.21
HE3 MSE C 103 11.10 22.60 -20.68
N GLY C 104 13.09 19.73 -16.90
CA GLY C 104 12.35 19.54 -15.67
C GLY C 104 13.16 19.73 -14.41
N GLY C 105 14.46 19.79 -14.55
CA GLY C 105 15.36 19.87 -13.41
C GLY C 105 16.22 21.11 -13.40
N VAL C 106 17.23 21.13 -14.27
CA VAL C 106 18.22 22.20 -14.21
C VAL C 106 17.58 23.58 -14.39
N GLY C 107 16.81 23.76 -15.46
CA GLY C 107 16.20 25.04 -15.71
C GLY C 107 15.26 25.48 -14.61
N PRO C 108 14.28 24.64 -14.24
CA PRO C 108 13.34 25.06 -13.20
C PRO C 108 14.02 25.32 -11.87
N MSE C 109 14.92 24.46 -11.45
CA MSE C 109 15.50 24.59 -10.12
C MSE C 109 16.48 25.75 -10.05
O MSE C 109 16.47 26.52 -9.07
CB MSE C 109 16.14 23.27 -9.66
CG MSE C 109 15.13 22.13 -9.54
SE MSE C 109 13.77 22.45 -8.16
CE MSE C 109 12.34 23.07 -9.27
H MSE C 109 15.22 23.80 -11.90
HA MSE C 109 14.78 24.78 -9.50
HB2 MSE C 109 16.82 23.01 -10.31
HB3 MSE C 109 16.55 23.41 -8.80
HG2 MSE C 109 14.66 22.02 -10.39
HG3 MSE C 109 15.60 21.31 -9.32
HE1 MSE C 109 11.59 23.31 -8.71
HE2 MSE C 109 12.65 23.86 -9.76
HE3 MSE C 109 12.09 22.37 -9.89
N GLN C 110 17.35 25.87 -11.05
CA GLN C 110 18.28 26.98 -11.05
C GLN C 110 17.55 28.30 -11.22
N GLY C 111 16.46 28.28 -11.97
CA GLY C 111 15.66 29.49 -12.09
C GLY C 111 15.04 29.91 -10.77
N GLN C 112 14.66 28.95 -9.93
CA GLN C 112 14.13 29.28 -8.61
C GLN C 112 15.24 29.78 -7.68
N ALA C 113 16.46 29.22 -7.80
CA ALA C 113 17.59 29.81 -7.10
C ALA C 113 17.75 31.28 -7.47
N ASN C 114 17.65 31.61 -8.76
CA ASN C 114 17.76 33.01 -9.18
C ASN C 114 16.65 33.85 -8.55
N VAL C 115 15.43 33.33 -8.53
CA VAL C 115 14.34 34.08 -7.92
C VAL C 115 14.65 34.42 -6.47
N PHE C 116 14.93 33.41 -5.63
CA PHE C 116 15.09 33.68 -4.21
C PHE C 116 16.39 34.38 -3.89
N PHE C 117 17.46 34.14 -4.64
CA PHE C 117 18.77 34.71 -4.34
C PHE C 117 18.95 36.10 -4.92
N ARG C 118 18.25 36.43 -6.00
CA ARG C 118 18.46 37.68 -6.71
C ARG C 118 17.22 38.56 -6.81
N TYR C 119 16.00 38.00 -6.94
CA TYR C 119 14.86 38.82 -7.30
C TYR C 119 13.81 39.02 -6.21
N PHE C 120 13.70 38.12 -5.24
CA PHE C 120 12.54 38.10 -4.37
C PHE C 120 12.51 39.30 -3.43
N PRO C 121 11.32 39.79 -3.03
CA PRO C 121 11.27 41.04 -2.26
C PRO C 121 11.89 40.96 -0.87
N GLU C 122 12.15 39.77 -0.35
CA GLU C 122 12.92 39.68 0.88
C GLU C 122 13.74 38.41 0.81
N LYS C 123 14.77 38.34 1.63
CA LYS C 123 15.68 37.20 1.65
C LYS C 123 15.08 36.10 2.53
N LEU C 124 14.83 34.95 1.94
CA LEU C 124 14.32 33.77 2.63
C LEU C 124 15.43 32.72 2.50
N GLN C 125 16.34 32.70 3.48
CA GLN C 125 17.54 31.86 3.33
C GLN C 125 17.18 30.38 3.19
N GLY C 126 16.09 29.92 3.79
CA GLY C 126 15.71 28.52 3.65
C GLY C 126 15.34 28.17 2.22
N ALA C 127 14.66 29.09 1.53
CA ALA C 127 14.34 28.87 0.12
C ALA C 127 15.57 29.02 -0.76
N ILE C 128 16.43 30.01 -0.48
CA ILE C 128 17.69 30.14 -1.21
C ILE C 128 18.48 28.86 -1.09
N ASP C 129 18.64 28.35 0.14
CA ASP C 129 19.43 27.14 0.35
C ASP C 129 18.79 25.96 -0.38
N ARG C 130 17.47 25.82 -0.31
CA ARG C 130 16.83 24.72 -1.00
C ARG C 130 17.22 24.67 -2.46
N TYR C 131 17.11 25.82 -3.17
CA TYR C 131 17.32 25.80 -4.61
C TYR C 131 18.80 25.81 -4.99
N GLN C 132 19.65 26.45 -4.19
CA GLN C 132 21.08 26.36 -4.48
C GLN C 132 21.60 24.94 -4.26
N HIS C 133 21.18 24.31 -3.16
CA HIS C 133 21.59 22.93 -2.92
C HIS C 133 21.05 21.98 -3.99
N GLU C 134 19.78 22.15 -4.39
CA GLU C 134 19.20 21.27 -5.39
C GLU C 134 19.90 21.46 -6.74
N THR C 135 20.20 22.70 -7.11
CA THR C 135 20.91 22.92 -8.36
C THR C 135 22.29 22.25 -8.32
N ARG C 136 23.01 22.38 -7.21
CA ARG C 136 24.29 21.69 -7.08
C ARG C 136 24.11 20.18 -7.21
N ARG C 137 23.08 19.61 -6.58
CA ARG C 137 22.82 18.18 -6.74
C ARG C 137 22.64 17.81 -8.21
N LEU C 138 21.89 18.63 -8.95
CA LEU C 138 21.70 18.38 -10.37
C LEU C 138 23.02 18.49 -11.14
N TYR C 139 23.86 19.46 -10.76
CA TYR C 139 25.17 19.58 -11.38
C TYR C 139 26.03 18.36 -11.12
N GLU C 140 25.92 17.78 -9.92
CA GLU C 140 26.65 16.55 -9.61
C GLU C 140 26.17 15.37 -10.47
N VAL C 141 24.86 15.31 -10.76
CA VAL C 141 24.37 14.31 -11.71
C VAL C 141 25.02 14.52 -13.07
N LEU C 142 25.04 15.76 -13.54
CA LEU C 142 25.68 16.06 -14.81
C LEU C 142 27.14 15.63 -14.80
N ASP C 143 27.84 15.95 -13.72
CA ASP C 143 29.27 15.65 -13.65
C ASP C 143 29.51 14.16 -13.72
N GLY C 144 28.69 13.36 -13.05
CA GLY C 144 28.85 11.92 -13.12
C GLY C 144 28.65 11.42 -14.54
N ARG C 145 27.61 11.92 -15.20
CA ARG C 145 27.35 11.50 -16.57
C ARG C 145 28.52 11.89 -17.49
N LEU C 146 29.10 13.06 -17.27
CA LEU C 146 30.20 13.54 -18.10
C LEU C 146 31.51 12.83 -17.79
N GLY C 147 31.54 11.92 -16.83
CA GLY C 147 32.63 10.97 -16.74
C GLY C 147 32.41 9.73 -17.57
N GLU C 148 31.16 9.47 -17.95
CA GLU C 148 30.81 8.34 -18.80
C GLU C 148 30.95 8.66 -20.28
N ALA C 149 30.81 9.92 -20.66
CA ALA C 149 30.78 10.31 -22.07
C ALA C 149 31.25 11.75 -22.17
N GLU C 150 31.76 12.10 -23.34
CA GLU C 150 32.32 13.43 -23.55
C GLU C 150 31.24 14.51 -23.52
N TYR C 151 30.06 14.21 -24.07
CA TYR C 151 28.89 15.07 -24.01
C TYR C 151 27.74 14.25 -23.44
N LEU C 152 26.64 14.91 -23.09
CA LEU C 152 25.63 14.28 -22.24
C LEU C 152 25.02 13.04 -22.89
N ALA C 153 24.78 13.05 -24.20
CA ALA C 153 24.17 11.91 -24.88
C ALA C 153 25.18 11.10 -25.66
N GLY C 154 26.47 11.31 -25.43
CA GLY C 154 27.52 10.72 -26.25
C GLY C 154 28.17 11.79 -27.09
N ASP C 155 27.81 11.83 -28.37
CA ASP C 155 28.20 12.95 -29.23
C ASP C 155 27.46 14.21 -28.80
N TYR C 156 28.07 15.36 -29.08
CA TYR C 156 27.47 16.66 -28.83
C TYR C 156 26.08 16.75 -29.47
N SER C 157 25.13 17.31 -28.73
CA SER C 157 23.74 17.29 -29.16
C SER C 157 22.98 18.46 -28.57
N ILE C 158 21.70 18.55 -28.96
CA ILE C 158 20.82 19.56 -28.38
C ILE C 158 20.70 19.44 -26.86
N ALA C 159 20.97 18.28 -26.27
CA ALA C 159 20.94 18.19 -24.80
C ALA C 159 22.03 19.07 -24.17
N ASP C 160 23.21 19.10 -24.76
CA ASP C 160 24.26 19.98 -24.26
C ASP C 160 23.89 21.44 -24.46
N ILE C 161 23.29 21.76 -25.61
CA ILE C 161 22.92 23.13 -25.92
C ILE C 161 21.85 23.62 -24.97
N ALA C 162 20.94 22.73 -24.55
CA ALA C 162 19.92 23.12 -23.60
C ALA C 162 20.50 23.40 -22.23
N THR C 163 21.53 22.66 -21.85
CA THR C 163 22.03 22.68 -20.48
C THR C 163 23.06 23.77 -20.26
N TYR C 164 23.88 24.03 -21.27
CA TYR C 164 25.01 24.92 -21.08
C TYR C 164 24.63 26.34 -20.72
N PRO C 165 23.61 26.98 -21.32
CA PRO C 165 23.34 28.38 -20.96
C PRO C 165 22.99 28.55 -19.50
N TRP C 166 22.41 27.53 -18.88
CA TRP C 166 22.14 27.57 -17.45
C TRP C 166 23.42 27.36 -16.62
N VAL C 167 24.17 26.30 -16.93
CA VAL C 167 25.42 26.07 -16.18
C VAL C 167 26.34 27.29 -16.29
N ARG C 168 26.34 27.96 -17.45
CA ARG C 168 27.23 29.09 -17.66
CA ARG C 168 27.21 29.11 -17.68
C ARG C 168 27.01 30.19 -16.63
N ILE C 169 25.78 30.37 -16.16
CA ILE C 169 25.46 31.46 -15.25
C ILE C 169 25.40 30.98 -13.79
N HIS C 170 26.11 29.88 -13.47
CA HIS C 170 26.07 29.35 -12.10
C HIS C 170 26.50 30.39 -11.07
N ASP C 171 27.46 31.26 -11.42
CA ASP C 171 27.91 32.26 -10.44
CA ASP C 171 27.92 32.30 -10.49
C ASP C 171 26.77 33.20 -10.07
N TRP C 172 25.96 33.62 -11.05
CA TRP C 172 24.79 34.49 -10.78
C TRP C 172 23.84 33.81 -9.82
N SER C 173 23.64 32.50 -10.00
CA SER C 173 22.72 31.74 -9.16
C SER C 173 23.30 31.40 -7.79
N GLY C 174 24.59 31.63 -7.56
CA GLY C 174 25.22 31.26 -6.31
C GLY C 174 25.45 29.77 -6.16
N VAL C 175 25.68 29.07 -7.26
CA VAL C 175 25.90 27.63 -7.27
C VAL C 175 27.29 27.34 -7.81
N ALA C 176 28.07 26.57 -7.07
CA ALA C 176 29.45 26.32 -7.43
C ALA C 176 29.56 25.11 -8.35
N VAL C 177 30.59 25.14 -9.19
CA VAL C 177 30.99 23.97 -9.96
C VAL C 177 32.30 23.36 -9.47
N ASP C 178 32.88 23.89 -8.39
CA ASP C 178 34.15 23.36 -7.91
C ASP C 178 33.99 21.90 -7.51
N GLY C 179 35.00 21.10 -7.84
CA GLY C 179 34.97 19.68 -7.60
C GLY C 179 34.34 18.86 -8.71
N LEU C 180 33.71 19.51 -9.68
CA LEU C 180 33.02 18.82 -10.77
C LEU C 180 33.86 18.95 -12.03
N ASP C 181 34.93 18.16 -12.06
CA ASP C 181 35.94 18.33 -13.10
C ASP C 181 35.41 17.94 -14.47
N ASN C 182 34.50 16.97 -14.55
CA ASN C 182 33.95 16.61 -15.85
C ASN C 182 33.04 17.71 -16.38
N LEU C 183 32.19 18.27 -15.50
CA LEU C 183 31.39 19.42 -15.87
C LEU C 183 32.27 20.58 -16.31
N GLN C 184 33.38 20.82 -15.60
CA GLN C 184 34.25 21.93 -15.99
C GLN C 184 34.90 21.68 -17.35
N ARG C 185 35.30 20.44 -17.63
CA ARG C 185 35.82 20.11 -18.95
C ARG C 185 34.80 20.43 -20.03
N TRP C 186 33.55 20.05 -19.79
CA TRP C 186 32.47 20.28 -20.76
C TRP C 186 32.16 21.76 -20.90
N ILE C 187 32.17 22.52 -19.80
CA ILE C 187 32.00 23.97 -19.88
C ILE C 187 33.05 24.56 -20.82
N ALA C 188 34.31 24.16 -20.64
CA ALA C 188 35.38 24.70 -21.47
C ALA C 188 35.20 24.31 -22.92
N ALA C 189 34.76 23.09 -23.18
CA ALA C 189 34.55 22.64 -24.55
C ALA C 189 33.44 23.45 -25.22
N LEU C 190 32.32 23.64 -24.51
CA LEU C 190 31.22 24.41 -25.06
C LEU C 190 31.64 25.85 -25.29
N GLU C 191 32.34 26.44 -24.31
CA GLU C 191 32.75 27.83 -24.43
CA GLU C 191 32.73 27.84 -24.42
C GLU C 191 33.62 28.08 -25.65
N ALA C 192 34.40 27.07 -26.05
CA ALA C 192 35.33 27.23 -27.17
C ALA C 192 34.67 27.11 -28.53
N ARG C 193 33.39 26.74 -28.60
CA ARG C 193 32.75 26.55 -29.89
C ARG C 193 32.31 27.89 -30.47
N PRO C 194 32.73 28.22 -31.70
CA PRO C 194 32.33 29.53 -32.26
C PRO C 194 30.83 29.75 -32.31
N ALA C 195 30.05 28.70 -32.62
CA ALA C 195 28.61 28.88 -32.70
C ALA C 195 27.99 29.16 -31.34
N VAL C 196 28.56 28.60 -30.27
CA VAL C 196 28.09 28.93 -28.92
C VAL C 196 28.37 30.39 -28.63
N GLN C 197 29.57 30.84 -28.92
CA GLN C 197 29.94 32.24 -28.72
CA GLN C 197 29.90 32.23 -28.68
C GLN C 197 28.97 33.15 -29.47
N ARG C 198 28.70 32.84 -30.73
CA ARG C 198 27.78 33.69 -31.49
C ARG C 198 26.37 33.64 -30.90
N GLY C 199 25.89 32.44 -30.54
CA GLY C 199 24.53 32.33 -30.04
C GLY C 199 24.33 33.05 -28.71
N LEU C 200 25.38 33.16 -27.91
CA LEU C 200 25.27 33.86 -26.63
C LEU C 200 25.12 35.37 -26.80
N LEU C 201 25.38 35.91 -27.99
CA LEU C 201 25.24 37.33 -28.24
C LEU C 201 23.88 37.71 -28.81
N VAL C 202 22.96 36.77 -28.96
CA VAL C 202 21.66 37.03 -29.57
C VAL C 202 20.60 37.01 -28.48
N PRO C 203 19.81 38.07 -28.31
CA PRO C 203 19.83 39.34 -29.03
C PRO C 203 20.80 40.34 -28.42
N ARG C 204 21.20 41.33 -29.20
CA ARG C 204 22.06 42.37 -28.67
C ARG C 204 21.23 43.37 -27.87
N PRO D 1 -24.89 -23.64 41.51
CA PRO D 1 -26.00 -24.23 40.75
C PRO D 1 -25.74 -25.70 40.47
N MSE D 2 -26.79 -26.44 40.14
CA MSE D 2 -26.60 -27.71 39.49
CA MSE D 2 -26.58 -27.71 39.49
C MSE D 2 -26.25 -27.39 38.02
O MSE D 2 -26.91 -26.57 37.36
CB MSE D 2 -27.83 -28.61 39.63
CB MSE D 2 -27.79 -28.63 39.56
CG MSE D 2 -27.44 -30.06 39.77
CG MSE D 2 -27.51 -29.94 38.80
SE MSE D 2 -28.30 -31.05 41.21
SE MSE D 2 -26.01 -30.97 39.55
CE MSE D 2 -28.03 -29.80 42.70
CE MSE D 2 -26.88 -31.44 41.23
H MSE D 2 -27.62 -26.22 40.28
H MSE D 2 -27.62 -26.22 40.28
HA MSE D 2 -25.88 -28.24 39.89
HA MSE D 2 -25.88 -28.21 39.93
HB2 MSE D 2 -28.32 -28.34 40.43
HB2 MSE D 2 -27.99 -28.84 40.48
HB3 MSE D 2 -28.39 -28.51 38.85
HB3 MSE D 2 -28.55 -28.19 39.14
HG2 MSE D 2 -27.66 -30.52 38.94
HG2 MSE D 2 -28.31 -30.50 38.84
HG3 MSE D 2 -26.48 -30.11 39.93
HG3 MSE D 2 -27.30 -29.73 37.88
HE1 MSE D 2 -28.34 -30.22 43.52
HE1 MSE D 2 -26.27 -31.98 41.75
HE2 MSE D 2 -27.09 -29.60 42.77
HE2 MSE D 2 -27.10 -30.63 41.71
HE3 MSE D 2 -28.54 -29.00 42.53
HE3 MSE D 2 -27.68 -31.94 41.04
N ILE D 3 -25.18 -27.99 37.54
CA ILE D 3 -24.75 -27.86 36.15
C ILE D 3 -24.93 -29.23 35.53
N ASP D 4 -25.60 -29.30 34.39
CA ASP D 4 -25.58 -30.50 33.56
C ASP D 4 -24.40 -30.42 32.61
N LEU D 5 -23.50 -31.40 32.65
CA LEU D 5 -22.31 -31.42 31.81
C LEU D 5 -22.49 -32.51 30.76
N TYR D 6 -22.46 -32.12 29.49
CA TYR D 6 -22.51 -33.04 28.36
C TYR D 6 -21.09 -33.17 27.84
N THR D 7 -20.55 -34.39 27.88
CA THR D 7 -19.11 -34.54 27.75
C THR D 7 -18.74 -35.93 27.25
N ALA D 8 -17.43 -36.13 27.07
CA ALA D 8 -16.83 -37.41 26.72
C ALA D 8 -15.38 -37.32 27.16
N ALA D 9 -14.69 -38.47 27.21
CA ALA D 9 -13.31 -38.54 27.68
C ALA D 9 -12.39 -38.06 26.57
N THR D 10 -12.17 -36.76 26.55
CA THR D 10 -11.43 -36.07 25.50
C THR D 10 -10.79 -34.84 26.12
N PRO D 11 -9.80 -34.24 25.46
CA PRO D 11 -9.20 -33.02 26.02
CA PRO D 11 -9.19 -33.02 26.01
C PRO D 11 -10.21 -31.91 26.26
N ASN D 12 -11.13 -31.70 25.31
CA ASN D 12 -12.06 -30.59 25.44
C ASN D 12 -13.08 -30.83 26.56
N GLY D 13 -13.53 -32.07 26.72
CA GLY D 13 -14.37 -32.39 27.86
C GLY D 13 -13.66 -32.19 29.18
N HIS D 14 -12.40 -32.62 29.25
CA HIS D 14 -11.64 -32.50 30.50
C HIS D 14 -11.45 -31.06 30.91
N LYS D 15 -11.35 -30.13 29.96
CA LYS D 15 -11.25 -28.72 30.35
C LYS D 15 -12.36 -28.37 31.33
N VAL D 16 -13.59 -28.80 31.02
CA VAL D 16 -14.73 -28.35 31.79
C VAL D 16 -14.89 -29.13 33.08
N SER D 17 -14.66 -30.45 33.06
CA SER D 17 -14.70 -31.20 34.32
C SER D 17 -13.62 -30.74 35.28
N ILE D 18 -12.42 -30.41 34.78
CA ILE D 18 -11.40 -29.85 35.66
C ILE D 18 -11.87 -28.53 36.25
N ALA D 19 -12.43 -27.64 35.43
CA ALA D 19 -12.89 -26.37 35.97
C ALA D 19 -13.95 -26.59 37.05
N LEU D 20 -14.93 -27.46 36.79
CA LEU D 20 -15.99 -27.71 37.77
C LEU D 20 -15.40 -28.26 39.07
N GLU D 21 -14.43 -29.16 38.97
CA GLU D 21 -13.79 -29.70 40.17
C GLU D 21 -13.01 -28.62 40.93
N GLU D 22 -12.28 -27.76 40.20
CA GLU D 22 -11.56 -26.66 40.84
C GLU D 22 -12.51 -25.72 41.55
N MSE D 23 -13.64 -25.44 40.94
CA MSE D 23 -14.56 -24.44 41.47
C MSE D 23 -15.53 -24.95 42.52
O MSE D 23 -16.18 -24.15 43.19
CB MSE D 23 -15.37 -23.82 40.32
CG MSE D 23 -14.52 -23.05 39.31
SE MSE D 23 -15.53 -22.56 37.75
CE MSE D 23 -14.12 -21.71 36.75
H MSE D 23 -13.91 -25.82 40.22
HA MSE D 23 -14.00 -23.78 41.89
HB2 MSE D 23 -15.83 -24.52 39.85
HB3 MSE D 23 -16.01 -23.19 40.70
HG2 MSE D 23 -14.18 -22.24 39.73
HG3 MSE D 23 -13.77 -23.61 39.04
HE1 MSE D 23 -14.49 -21.40 35.90
HE2 MSE D 23 -13.78 -20.96 37.25
HE3 MSE D 23 -13.41 -22.35 36.58
N GLY D 24 -15.65 -26.26 42.67
CA GLY D 24 -16.53 -26.85 43.66
C GLY D 24 -18.00 -26.82 43.31
N LEU D 25 -18.35 -26.63 42.06
CA LEU D 25 -19.76 -26.57 41.69
C LEU D 25 -20.32 -27.98 41.53
N PRO D 26 -21.54 -28.23 42.02
CA PRO D 26 -22.15 -29.55 41.79
C PRO D 26 -22.58 -29.71 40.34
N TYR D 27 -22.40 -30.92 39.81
CA TYR D 27 -22.75 -31.16 38.43
C TYR D 27 -23.14 -32.62 38.23
N THR D 28 -23.89 -32.84 37.16
CA THR D 28 -24.32 -34.16 36.72
CA THR D 28 -24.28 -34.17 36.73
C THR D 28 -23.74 -34.42 35.33
N VAL D 29 -23.22 -35.62 35.14
CA VAL D 29 -22.50 -35.99 33.92
C VAL D 29 -23.44 -36.69 32.96
N HIS D 30 -23.47 -36.19 31.73
CA HIS D 30 -24.12 -36.87 30.60
C HIS D 30 -22.98 -37.24 29.65
N ALA D 31 -22.55 -38.49 29.72
CA ALA D 31 -21.44 -38.97 28.91
C ALA D 31 -22.00 -39.44 27.58
N LEU D 32 -21.68 -38.73 26.50
CA LEU D 32 -22.25 -39.03 25.20
C LEU D 32 -21.37 -39.99 24.41
N SER D 33 -22.01 -40.94 23.73
CA SER D 33 -21.31 -41.95 22.95
C SER D 33 -21.20 -41.48 21.51
N PHE D 34 -19.97 -41.26 21.05
CA PHE D 34 -19.76 -40.91 19.65
C PHE D 34 -20.10 -42.09 18.74
N ASP D 35 -19.80 -43.31 19.18
CA ASP D 35 -20.13 -44.48 18.37
C ASP D 35 -21.62 -44.52 18.05
N LYS D 36 -22.45 -44.09 18.99
CA LYS D 36 -23.90 -44.05 18.81
C LYS D 36 -24.38 -42.69 18.31
N LYS D 37 -23.45 -41.80 17.95
CA LYS D 37 -23.77 -40.49 17.40
C LYS D 37 -24.68 -39.68 18.33
N GLU D 38 -24.53 -39.86 19.63
CA GLU D 38 -25.35 -39.13 20.58
C GLU D 38 -25.09 -37.63 20.57
N GLN D 39 -23.90 -37.21 20.14
CA GLN D 39 -23.62 -35.80 20.03
C GLN D 39 -24.33 -35.13 18.86
N LYS D 40 -24.99 -35.92 18.00
CA LYS D 40 -25.76 -35.39 16.89
C LYS D 40 -27.25 -35.58 17.09
N ALA D 41 -27.68 -36.11 18.24
CA ALA D 41 -29.09 -36.27 18.50
C ALA D 41 -29.77 -34.91 18.60
N PRO D 42 -31.00 -34.77 18.08
CA PRO D 42 -31.62 -33.43 18.06
C PRO D 42 -31.81 -32.82 19.43
N GLU D 43 -32.07 -33.63 20.46
CA GLU D 43 -32.19 -33.05 21.79
C GLU D 43 -30.87 -32.46 22.23
N PHE D 44 -29.73 -33.02 21.82
CA PHE D 44 -28.46 -32.40 22.14
C PHE D 44 -28.17 -31.20 21.25
N LEU D 45 -28.60 -31.23 19.99
CA LEU D 45 -28.37 -30.09 19.11
C LEU D 45 -29.09 -28.85 19.62
N ARG D 46 -30.19 -29.03 20.36
CA ARG D 46 -30.86 -27.89 20.96
C ARG D 46 -29.95 -27.18 21.97
N ILE D 47 -29.02 -27.93 22.58
CA ILE D 47 -28.08 -27.37 23.53
C ILE D 47 -26.83 -26.87 22.82
N ASN D 48 -26.28 -27.66 21.91
CA ASN D 48 -25.16 -27.25 21.08
C ASN D 48 -25.46 -27.52 19.62
N PRO D 49 -25.77 -26.50 18.82
CA PRO D 49 -26.11 -26.76 17.41
C PRO D 49 -24.94 -27.29 16.58
N ASN D 50 -23.70 -27.14 17.07
CA ASN D 50 -22.54 -27.73 16.43
C ASN D 50 -22.47 -29.24 16.62
N GLY D 51 -23.22 -29.80 17.56
CA GLY D 51 -23.20 -31.23 17.76
C GLY D 51 -21.85 -31.77 18.20
N ARG D 52 -21.27 -31.09 19.19
CA ARG D 52 -19.99 -31.49 19.75
C ARG D 52 -20.04 -31.29 21.25
N ILE D 53 -19.16 -32.00 21.95
CA ILE D 53 -18.99 -31.78 23.38
C ILE D 53 -17.73 -30.97 23.62
N PRO D 54 -17.60 -30.29 24.76
CA PRO D 54 -18.58 -30.18 25.84
C PRO D 54 -19.65 -29.11 25.63
N ALA D 55 -20.72 -29.25 26.40
CA ALA D 55 -21.74 -28.22 26.56
C ALA D 55 -22.27 -28.35 27.97
N ILE D 56 -22.77 -27.26 28.52
CA ILE D 56 -23.45 -27.29 29.80
C ILE D 56 -24.83 -26.70 29.69
N VAL D 57 -25.69 -27.07 30.64
CA VAL D 57 -26.93 -26.39 30.93
C VAL D 57 -26.88 -25.98 32.40
N ASP D 58 -27.06 -24.69 32.65
CA ASP D 58 -27.03 -24.14 34.01
C ASP D 58 -28.47 -24.12 34.53
N ARG D 59 -28.79 -25.08 35.40
CA ARG D 59 -30.14 -25.16 35.95
C ARG D 59 -30.46 -24.01 36.87
N SER D 60 -29.46 -23.35 37.44
CA SER D 60 -29.72 -22.20 38.29
C SER D 60 -30.06 -20.94 37.51
N ASN D 61 -29.95 -20.99 36.19
CA ASN D 61 -30.14 -19.83 35.33
C ASN D 61 -31.14 -20.14 34.23
N ASP D 62 -32.28 -20.70 34.60
CA ASP D 62 -33.35 -21.01 33.66
C ASP D 62 -32.88 -21.94 32.55
N ASP D 63 -32.11 -22.96 32.92
CA ASP D 63 -31.62 -23.96 31.97
C ASP D 63 -30.89 -23.31 30.79
N PHE D 64 -30.01 -22.37 31.12
CA PHE D 64 -29.24 -21.67 30.09
C PHE D 64 -28.14 -22.55 29.55
N ALA D 65 -28.13 -22.72 28.22
CA ALA D 65 -27.14 -23.55 27.55
C ALA D 65 -25.89 -22.74 27.23
N VAL D 66 -24.73 -23.37 27.41
CA VAL D 66 -23.46 -22.81 26.98
C VAL D 66 -22.68 -23.89 26.23
N PHE D 67 -22.30 -23.62 24.99
CA PHE D 67 -21.47 -24.52 24.22
C PHE D 67 -20.16 -23.81 23.91
N GLU D 68 -19.18 -24.61 23.45
CA GLU D 68 -17.77 -24.27 23.26
C GLU D 68 -17.03 -24.26 24.60
N SER D 69 -16.05 -25.14 24.74
CA SER D 69 -15.32 -25.27 25.99
C SER D 69 -14.83 -23.91 26.50
N GLY D 70 -14.23 -23.10 25.65
CA GLY D 70 -13.71 -21.82 26.12
C GLY D 70 -14.81 -20.90 26.62
N ALA D 71 -15.96 -20.90 25.96
CA ALA D 71 -17.10 -20.10 26.41
C ALA D 71 -17.64 -20.60 27.74
N ILE D 72 -17.63 -21.93 27.95
CA ILE D 72 -18.08 -22.50 29.21
C ILE D 72 -17.13 -22.08 30.32
N LEU D 73 -15.82 -22.14 30.06
CA LEU D 73 -14.85 -21.73 31.07
C LEU D 73 -15.06 -20.27 31.48
N VAL D 74 -15.27 -19.38 30.49
CA VAL D 74 -15.51 -17.97 30.80
C VAL D 74 -16.80 -17.83 31.60
N TYR D 75 -17.86 -18.53 31.18
CA TYR D 75 -19.14 -18.40 31.87
C TYR D 75 -19.01 -18.81 33.33
N LEU D 76 -18.35 -19.94 33.58
CA LEU D 76 -18.24 -20.46 34.94
C LEU D 76 -17.29 -19.61 35.78
N ALA D 77 -16.18 -19.14 35.19
CA ALA D 77 -15.29 -18.25 35.91
C ALA D 77 -16.02 -16.98 36.33
N GLU D 78 -16.83 -16.41 35.45
CA GLU D 78 -17.55 -15.19 35.76
C GLU D 78 -18.68 -15.44 36.76
N LYS D 79 -19.33 -16.58 36.66
CA LYS D 79 -20.38 -16.94 37.62
C LYS D 79 -19.80 -17.06 39.02
N THR D 80 -18.66 -17.72 39.16
CA THR D 80 -18.11 -18.05 40.47
C THR D 80 -17.10 -17.03 40.98
N GLY D 81 -16.60 -16.17 40.11
CA GLY D 81 -15.50 -15.27 40.46
C GLY D 81 -14.17 -15.96 40.66
N GLN D 82 -14.04 -17.20 40.23
CA GLN D 82 -12.82 -17.95 40.38
C GLN D 82 -12.08 -18.06 39.05
N LEU D 83 -10.74 -18.12 39.12
CA LEU D 83 -9.88 -18.55 38.04
C LEU D 83 -9.84 -17.57 36.87
N MSE D 84 -10.15 -16.30 37.14
CA MSE D 84 -9.89 -15.22 36.19
C MSE D 84 -10.00 -13.92 37.00
O MSE D 84 -10.96 -13.76 37.73
CB MSE D 84 -10.90 -15.22 35.06
CG MSE D 84 -10.65 -14.08 34.08
SE MSE D 84 -11.59 -14.23 32.41
CE MSE D 84 -13.34 -14.46 33.13
H MSE D 84 -10.52 -16.04 37.87
HA MSE D 84 -9.02 -15.33 35.77
HB2 MSE D 84 -10.84 -16.06 34.58
HB3 MSE D 84 -11.79 -15.12 35.43
HG2 MSE D 84 -10.93 -13.25 34.49
HG3 MSE D 84 -9.71 -14.04 33.88
HE1 MSE D 84 -13.97 -14.55 32.39
HE2 MSE D 84 -13.36 -15.26 33.67
HE3 MSE D 84 -13.57 -13.69 33.65
N PRO D 85 -9.01 -13.02 36.91
CA PRO D 85 -9.12 -11.74 37.63
C PRO D 85 -10.26 -10.90 37.10
N THR D 86 -10.62 -9.87 37.86
CA THR D 86 -11.68 -8.96 37.44
C THR D 86 -11.16 -7.64 36.87
N ASP D 87 -9.89 -7.31 37.03
CA ASP D 87 -9.38 -6.06 36.46
C ASP D 87 -9.18 -6.20 34.95
N VAL D 88 -9.15 -5.06 34.27
CA VAL D 88 -9.13 -5.04 32.80
C VAL D 88 -7.95 -5.85 32.26
N LYS D 89 -6.73 -5.55 32.73
CA LYS D 89 -5.57 -6.20 32.17
C LYS D 89 -5.52 -7.66 32.58
N GLY D 90 -5.82 -7.96 33.83
CA GLY D 90 -5.71 -9.32 34.32
C GLY D 90 -6.69 -10.26 33.63
N ARG D 91 -7.93 -9.80 33.45
CA ARG D 91 -8.87 -10.65 32.75
C ARG D 91 -8.51 -10.77 31.28
N SER D 92 -8.02 -9.69 30.67
CA SER D 92 -7.63 -9.79 29.25
C SER D 92 -6.48 -10.77 29.06
N ARG D 93 -5.51 -10.80 29.96
CA ARG D 93 -4.43 -11.77 29.81
CA ARG D 93 -4.43 -11.77 29.80
C ARG D 93 -4.97 -13.20 29.79
N VAL D 94 -5.94 -13.48 30.65
CA VAL D 94 -6.59 -14.80 30.65
C VAL D 94 -7.26 -15.04 29.30
N ILE D 95 -8.05 -14.08 28.83
CA ILE D 95 -8.76 -14.26 27.55
C ILE D 95 -7.79 -14.44 26.40
N GLN D 96 -6.68 -13.69 26.39
CA GLN D 96 -5.69 -13.85 25.32
C GLN D 96 -5.14 -15.27 25.27
N TRP D 97 -4.67 -15.80 26.40
CA TRP D 97 -4.11 -17.15 26.40
C TRP D 97 -5.19 -18.21 26.18
N LEU D 98 -6.42 -17.95 26.61
CA LEU D 98 -7.53 -18.86 26.29
C LEU D 98 -7.77 -18.88 24.79
N MSE D 99 -7.80 -17.72 24.15
CA MSE D 99 -7.95 -17.66 22.72
C MSE D 99 -6.80 -18.35 21.99
O MSE D 99 -7.01 -18.99 20.96
CB MSE D 99 -8.10 -16.21 22.26
CG MSE D 99 -9.38 -15.54 22.67
SE MSE D 99 -10.95 -16.45 22.04
CE MSE D 99 -12.27 -15.16 22.72
H MSE D 99 -7.71 -16.97 24.54
HA MSE D 99 -8.78 -18.11 22.49
HB2 MSE D 99 -7.37 -15.69 22.63
HB3 MSE D 99 -8.05 -16.19 21.29
HG2 MSE D 99 -9.43 -15.51 23.64
HG3 MSE D 99 -9.40 -14.64 22.31
HE1 MSE D 99 -13.16 -15.47 22.49
HE2 MSE D 99 -12.17 -15.10 23.68
HE3 MSE D 99 -12.10 -14.30 22.30
N PHE D 100 -5.58 -18.18 22.48
CA PHE D 100 -4.43 -18.85 21.87
C PHE D 100 -4.65 -20.36 21.87
N GLN D 101 -5.20 -20.89 22.95
CA GLN D 101 -5.53 -22.32 23.02
C GLN D 101 -6.65 -22.65 22.05
N MSE D 102 -7.72 -21.85 22.06
CA MSE D 102 -8.93 -22.18 21.32
C MSE D 102 -8.73 -22.10 19.82
O MSE D 102 -9.35 -22.85 19.08
CB MSE D 102 -10.08 -21.24 21.72
CG MSE D 102 -10.67 -21.54 23.07
SE MSE D 102 -11.66 -23.20 23.14
CE MSE D 102 -13.02 -22.75 21.89
H MSE D 102 -7.76 -21.10 22.49
HA MSE D 102 -9.17 -23.09 21.55
HB2 MSE D 102 -9.73 -20.33 21.75
HB3 MSE D 102 -10.79 -21.31 21.06
HG2 MSE D 102 -9.96 -21.59 23.73
HG3 MSE D 102 -11.28 -20.83 23.31
HE1 MSE D 102 -13.66 -23.48 21.83
HE2 MSE D 102 -13.48 -21.94 22.19
HE3 MSE D 102 -12.61 -22.59 21.02
N GLY D 103 -7.88 -21.17 19.38
CA GLY D 103 -7.64 -21.01 17.96
C GLY D 103 -6.36 -21.65 17.45
N GLY D 104 -5.47 -22.01 18.36
CA GLY D 104 -4.17 -22.55 17.99
C GLY D 104 -3.96 -23.96 18.52
N VAL D 105 -3.74 -24.10 19.82
CA VAL D 105 -3.35 -25.40 20.37
C VAL D 105 -4.39 -26.47 20.06
N GLY D 106 -5.65 -26.24 20.42
CA GLY D 106 -6.67 -27.25 20.20
C GLY D 106 -6.83 -27.62 18.72
N PRO D 107 -7.05 -26.62 17.87
CA PRO D 107 -7.27 -26.95 16.46
C PRO D 107 -6.07 -27.65 15.83
N MSE D 108 -4.86 -27.15 16.06
CA MSE D 108 -3.70 -27.64 15.38
C MSE D 108 -3.29 -29.01 15.91
O MSE D 108 -2.96 -29.93 15.15
CB MSE D 108 -2.53 -26.64 15.49
CG MSE D 108 -2.80 -25.34 14.77
SE MSE D 108 -3.08 -25.51 12.84
CE MSE D 108 -5.00 -25.57 12.83
H MSE D 108 -4.71 -26.50 16.61
HA MSE D 108 -3.89 -27.72 14.43
HB2 MSE D 108 -2.38 -26.44 16.43
HB3 MSE D 108 -1.74 -27.04 15.11
HG2 MSE D 108 -3.61 -24.94 15.14
HG3 MSE D 108 -2.05 -24.75 14.90
HE1 MSE D 108 -5.30 -25.68 11.91
HE2 MSE D 108 -5.29 -26.32 13.36
HE3 MSE D 108 -5.34 -24.73 13.18
N GLN D 109 -3.32 -29.18 17.24
CA GLN D 109 -3.00 -30.49 17.81
C GLN D 109 -4.07 -31.51 17.46
N GLY D 110 -5.32 -31.08 17.34
CA GLY D 110 -6.36 -31.98 16.89
C GLY D 110 -6.12 -32.46 15.48
N GLN D 111 -5.58 -31.61 14.61
CA GLN D 111 -5.29 -32.05 13.24
C GLN D 111 -4.07 -32.95 13.21
N ALA D 112 -3.09 -32.72 14.09
CA ALA D 112 -2.01 -33.70 14.24
C ALA D 112 -2.59 -35.06 14.59
N ASN D 113 -3.55 -35.12 15.53
CA ASN D 113 -4.15 -36.41 15.86
C ASN D 113 -4.80 -37.04 14.65
N VAL D 114 -5.53 -36.26 13.87
CA VAL D 114 -6.18 -36.78 12.67
C VAL D 114 -5.16 -37.43 11.75
N PHE D 115 -4.15 -36.69 11.33
CA PHE D 115 -3.27 -37.22 10.29
C PHE D 115 -2.27 -38.23 10.83
N PHE D 116 -1.81 -38.08 12.06
CA PHE D 116 -0.81 -38.98 12.60
C PHE D 116 -1.43 -40.30 13.05
N ARG D 117 -2.63 -40.27 13.60
CA ARG D 117 -3.24 -41.46 14.18
C ARG D 117 -4.41 -42.01 13.37
N TYR D 118 -5.40 -41.19 13.03
CA TYR D 118 -6.69 -41.73 12.62
C TYR D 118 -6.87 -41.84 11.11
N PHE D 119 -6.30 -40.94 10.33
CA PHE D 119 -6.60 -40.86 8.90
C PHE D 119 -5.98 -42.05 8.20
N PRO D 120 -6.75 -42.85 7.46
CA PRO D 120 -6.15 -44.07 6.91
C PRO D 120 -5.00 -43.82 5.95
N GLU D 121 -5.15 -42.86 5.04
CA GLU D 121 -4.08 -42.51 4.12
C GLU D 121 -2.99 -41.78 4.88
N LYS D 122 -1.77 -42.29 4.80
CA LYS D 122 -0.63 -41.64 5.44
C LYS D 122 -0.18 -40.48 4.56
N LEU D 123 -0.31 -39.27 5.08
CA LEU D 123 0.04 -38.04 4.37
C LEU D 123 1.14 -37.39 5.18
N GLN D 124 2.38 -37.75 4.90
CA GLN D 124 3.49 -37.28 5.73
C GLN D 124 3.60 -35.77 5.74
N GLY D 125 3.30 -35.13 4.62
CA GLY D 125 3.36 -33.66 4.59
C GLY D 125 2.37 -33.02 5.54
N ALA D 126 1.18 -33.61 5.67
CA ALA D 126 0.18 -33.11 6.60
C ALA D 126 0.55 -33.44 8.04
N ILE D 127 1.05 -34.67 8.27
CA ILE D 127 1.55 -35.01 9.61
C ILE D 127 2.62 -34.01 10.04
N ASP D 128 3.59 -33.75 9.17
CA ASP D 128 4.67 -32.84 9.51
C ASP D 128 4.15 -31.43 9.74
N ARG D 129 3.23 -30.96 8.88
CA ARG D 129 2.67 -29.63 9.07
C ARG D 129 2.11 -29.46 10.47
N TYR D 130 1.29 -30.42 10.92
CA TYR D 130 0.58 -30.22 12.18
C TYR D 130 1.44 -30.54 13.39
N GLN D 131 2.36 -31.51 13.29
CA GLN D 131 3.28 -31.74 14.39
C GLN D 131 4.26 -30.58 14.55
N HIS D 132 4.80 -30.06 13.45
CA HIS D 132 5.69 -28.90 13.55
C HIS D 132 4.94 -27.68 14.09
N GLU D 133 3.71 -27.48 13.63
CA GLU D 133 2.96 -26.33 14.11
C GLU D 133 2.61 -26.47 15.59
N THR D 134 2.21 -27.66 16.03
CA THR D 134 1.92 -27.86 17.45
C THR D 134 3.18 -27.63 18.28
N ARG D 135 4.32 -28.11 17.82
CA ARG D 135 5.57 -27.83 18.53
C ARG D 135 5.86 -26.33 18.59
N ARG D 136 5.63 -25.60 17.49
CA ARG D 136 5.83 -24.15 17.51
C ARG D 136 4.96 -23.51 18.57
N LEU D 137 3.70 -23.92 18.65
CA LEU D 137 2.79 -23.40 19.66
C LEU D 137 3.26 -23.75 21.06
N TYR D 138 3.77 -24.97 21.25
CA TYR D 138 4.31 -25.36 22.55
C TYR D 138 5.52 -24.49 22.93
N GLU D 139 6.32 -24.09 21.92
CA GLU D 139 7.45 -23.19 22.20
CA GLU D 139 7.45 -23.19 22.20
C GLU D 139 6.97 -21.81 22.62
N VAL D 140 5.87 -21.33 22.04
CA VAL D 140 5.26 -20.09 22.53
C VAL D 140 4.86 -20.25 24.00
N LEU D 141 4.19 -21.36 24.33
CA LEU D 141 3.79 -21.59 25.71
C LEU D 141 5.00 -21.64 26.63
N ASP D 142 6.07 -22.33 26.19
CA ASP D 142 7.25 -22.47 27.02
C ASP D 142 7.88 -21.11 27.29
N GLY D 143 7.98 -20.27 26.27
CA GLY D 143 8.52 -18.94 26.47
C GLY D 143 7.69 -18.13 27.47
N ARG D 144 6.37 -18.17 27.31
CA ARG D 144 5.52 -17.43 28.25
C ARG D 144 5.68 -17.95 29.67
N LEU D 145 5.84 -19.27 29.82
CA LEU D 145 5.99 -19.87 31.14
C LEU D 145 7.38 -19.64 31.74
N GLY D 146 8.26 -18.95 31.04
CA GLY D 146 9.45 -18.39 31.65
C GLY D 146 9.21 -17.01 32.21
N GLU D 147 8.16 -16.34 31.71
CA GLU D 147 7.79 -15.02 32.22
C GLU D 147 6.91 -15.10 33.45
N ALA D 148 6.17 -16.20 33.61
CA ALA D 148 5.16 -16.30 34.65
C ALA D 148 4.94 -17.76 34.99
N GLU D 149 4.50 -18.00 36.23
CA GLU D 149 4.31 -19.37 36.69
C GLU D 149 3.18 -20.07 35.94
N TYR D 150 2.14 -19.33 35.62
CA TYR D 150 1.00 -19.82 34.84
C TYR D 150 0.78 -18.84 33.70
N LEU D 151 -0.05 -19.23 32.72
CA LEU D 151 -0.05 -18.51 31.45
C LEU D 151 -0.47 -17.05 31.59
N ALA D 152 -1.42 -16.76 32.48
CA ALA D 152 -1.89 -15.40 32.66
C ALA D 152 -1.38 -14.78 33.95
N GLY D 153 -0.35 -15.37 34.55
CA GLY D 153 0.14 -14.93 35.84
C GLY D 153 -0.25 -15.95 36.89
N ASP D 154 -1.31 -15.66 37.65
CA ASP D 154 -1.86 -16.65 38.53
C ASP D 154 -2.60 -17.73 37.72
N TYR D 155 -2.72 -18.91 38.31
CA TYR D 155 -3.46 -20.03 37.71
C TYR D 155 -4.87 -19.59 37.33
N SER D 156 -5.30 -19.98 36.14
CA SER D 156 -6.56 -19.49 35.59
C SER D 156 -7.19 -20.50 34.64
N ILE D 157 -8.37 -20.15 34.14
CA ILE D 157 -9.01 -20.95 33.10
C ILE D 157 -8.16 -21.09 31.84
N ALA D 158 -7.19 -20.20 31.58
CA ALA D 158 -6.34 -20.41 30.42
C ALA D 158 -5.47 -21.65 30.59
N ASP D 159 -4.97 -21.90 31.81
CA ASP D 159 -4.18 -23.11 32.04
C ASP D 159 -5.05 -24.33 31.93
N ILE D 160 -6.27 -24.26 32.47
CA ILE D 160 -7.20 -25.40 32.44
C ILE D 160 -7.57 -25.74 31.00
N ALA D 161 -7.68 -24.74 30.14
CA ALA D 161 -7.99 -24.99 28.74
C ALA D 161 -6.84 -25.68 28.02
N THR D 162 -5.60 -25.33 28.37
CA THR D 162 -4.44 -25.74 27.60
C THR D 162 -3.93 -27.09 28.06
N TYR D 163 -3.96 -27.35 29.36
CA TYR D 163 -3.34 -28.56 29.90
C TYR D 163 -3.88 -29.86 29.32
N PRO D 164 -5.20 -30.05 29.15
CA PRO D 164 -5.66 -31.36 28.66
C PRO D 164 -5.15 -31.72 27.28
N TRP D 165 -4.86 -30.71 26.47
CA TRP D 165 -4.23 -30.94 25.17
C TRP D 165 -2.74 -31.27 25.32
N VAL D 166 -2.00 -30.45 26.07
CA VAL D 166 -0.57 -30.71 26.25
C VAL D 166 -0.36 -32.10 26.83
N ARG D 167 -1.24 -32.51 27.75
CA ARG D 167 -1.11 -33.81 28.41
C ARG D 167 -1.04 -34.97 27.43
N ILE D 168 -1.74 -34.87 26.29
CA ILE D 168 -1.81 -35.97 25.33
C ILE D 168 -0.83 -35.77 24.17
N HIS D 169 0.24 -35.00 24.40
CA HIS D 169 1.20 -34.75 23.32
C HIS D 169 1.77 -36.05 22.73
N ASP D 170 1.94 -37.12 23.51
CA ASP D 170 2.46 -38.37 22.93
C ASP D 170 1.51 -38.92 21.87
N TRP D 171 0.20 -38.86 22.13
CA TRP D 171 -0.76 -39.33 21.14
C TRP D 171 -0.66 -38.53 19.86
N SER D 172 -0.42 -37.23 19.98
CA SER D 172 -0.29 -36.38 18.81
C SER D 172 1.06 -36.48 18.14
N GLY D 173 2.03 -37.10 18.80
CA GLY D 173 3.37 -37.23 18.25
C GLY D 173 4.18 -35.96 18.31
N VAL D 174 3.93 -35.13 19.31
CA VAL D 174 4.62 -33.85 19.47
C VAL D 174 5.41 -33.90 20.77
N ALA D 175 6.72 -33.73 20.68
CA ALA D 175 7.54 -33.85 21.87
C ALA D 175 7.62 -32.54 22.65
N VAL D 176 7.85 -32.68 23.96
CA VAL D 176 8.08 -31.54 24.85
C VAL D 176 9.54 -31.45 25.27
N ASP D 177 10.43 -32.20 24.65
CA ASP D 177 11.83 -32.14 25.02
C ASP D 177 12.36 -30.72 24.86
N GLY D 178 13.17 -30.30 25.83
CA GLY D 178 13.78 -29.00 25.82
C GLY D 178 12.91 -27.87 26.31
N LEU D 179 11.63 -28.14 26.58
CA LEU D 179 10.70 -27.10 27.01
C LEU D 179 10.56 -27.19 28.51
N ASP D 180 11.56 -26.64 29.21
CA ASP D 180 11.65 -26.85 30.65
C ASP D 180 10.53 -26.14 31.40
N ASN D 181 10.11 -24.97 30.92
CA ASN D 181 9.02 -24.26 31.60
C ASN D 181 7.69 -24.96 31.38
N LEU D 182 7.44 -25.42 30.15
CA LEU D 182 6.25 -26.22 29.91
C LEU D 182 6.23 -27.46 30.79
N GLN D 183 7.37 -28.13 30.92
CA GLN D 183 7.42 -29.33 31.75
C GLN D 183 7.16 -29.03 33.21
N ARG D 184 7.68 -27.91 33.71
CA ARG D 184 7.39 -27.49 35.08
C ARG D 184 5.89 -27.32 35.27
N TRP D 185 5.24 -26.64 34.32
CA TRP D 185 3.81 -26.37 34.40
C TRP D 185 3.01 -27.66 34.28
N ILE D 186 3.43 -28.58 33.40
CA ILE D 186 2.76 -29.87 33.32
C ILE D 186 2.76 -30.54 34.69
N ALA D 187 3.93 -30.56 35.34
CA ALA D 187 4.04 -31.21 36.65
C ALA D 187 3.18 -30.51 37.69
N ALA D 188 3.14 -29.18 37.66
CA ALA D 188 2.30 -28.43 38.60
C ALA D 188 0.83 -28.76 38.40
N LEU D 189 0.37 -28.76 37.14
CA LEU D 189 -1.03 -29.07 36.86
C LEU D 189 -1.36 -30.49 37.32
N GLU D 190 -0.48 -31.44 37.00
CA GLU D 190 -0.75 -32.84 37.31
C GLU D 190 -0.83 -33.09 38.80
N ALA D 191 -0.17 -32.26 39.59
CA ALA D 191 -0.17 -32.41 41.04
C ALA D 191 -1.41 -31.84 41.72
N ARG D 192 -2.28 -31.14 40.97
CA ARG D 192 -3.47 -30.56 41.58
C ARG D 192 -4.55 -31.62 41.73
N PRO D 193 -5.08 -31.84 42.94
CA PRO D 193 -6.14 -32.86 43.06
C PRO D 193 -7.34 -32.62 42.15
N ALA D 194 -7.76 -31.38 41.96
CA ALA D 194 -8.93 -31.15 41.11
C ALA D 194 -8.65 -31.49 39.66
N VAL D 195 -7.41 -31.29 39.18
CA VAL D 195 -7.04 -31.72 37.83
C VAL D 195 -7.14 -33.23 37.72
N GLN D 196 -6.57 -33.94 38.70
CA GLN D 196 -6.63 -35.40 38.71
CA GLN D 196 -6.64 -35.39 38.66
C GLN D 196 -8.08 -35.87 38.65
N ARG D 197 -8.94 -35.29 39.47
CA ARG D 197 -10.35 -35.71 39.47
C ARG D 197 -11.02 -35.39 38.14
N GLY D 198 -10.78 -34.20 37.60
CA GLY D 198 -11.44 -33.81 36.36
C GLY D 198 -11.04 -34.66 35.17
N LEU D 199 -9.82 -35.17 35.19
CA LEU D 199 -9.34 -36.04 34.12
C LEU D 199 -10.06 -37.39 34.12
N LEU D 200 -10.73 -37.77 35.20
CA LEU D 200 -11.45 -39.03 35.24
C LEU D 200 -12.91 -38.90 34.86
N VAL D 201 -13.35 -37.71 34.44
CA VAL D 201 -14.75 -37.46 34.11
C VAL D 201 -14.86 -37.31 32.60
N PRO D 202 -15.62 -38.16 31.91
CA PRO D 202 -16.23 -39.43 32.31
C PRO D 202 -15.16 -40.49 32.08
N ARG D 203 -15.38 -41.74 32.44
CA ARG D 203 -14.38 -42.77 32.17
C ARG D 203 -14.47 -43.21 30.70
N1 GDS E . 11.22 15.51 -14.08
CA1 GDS E . 11.06 14.22 -13.42
C1 GDS E . 10.13 13.40 -14.25
OE1 GDS E . 10.26 12.15 -14.24
OE2 GDS E . 9.27 14.01 -14.95
CB1 GDS E . 10.54 14.41 -12.02
CG1 GDS E . 10.42 13.07 -11.30
CD1 GDS E . 10.20 13.32 -9.80
O1 GDS E . 10.17 14.42 -9.28
N2 GDS E . 10.01 12.17 -9.05
CA2 GDS E . 9.81 12.23 -7.65
C2 GDS E . 10.89 11.43 -6.93
O2 GDS E . 11.23 10.31 -7.29
CB2 GDS E . 8.50 11.56 -7.27
SG2 GDS E . 7.06 12.38 -7.96
N3 GDS E . 11.48 12.01 -5.79
CA3 GDS E . 12.44 11.26 -5.05
C3 GDS E . 13.43 12.14 -4.39
OE3 GDS E . 14.26 11.60 -3.61
OE4 GDS E . 13.40 13.37 -4.62
N4 GDS E . 8.60 16.89 -9.05
CA4 GDS E . 8.75 18.07 -9.87
C4 GDS E . 8.47 17.79 -11.33
OE5 GDS E . 7.76 16.83 -11.66
OE6 GDS E . 8.99 18.61 -12.13
C5 GDS E . 8.16 17.05 -7.75
O5 GDS E . 7.89 18.16 -7.29
CA5 GDS E . 8.00 15.79 -6.91
N5 GDS E . 8.38 16.14 -5.61
CB5 GDS E . 6.52 15.33 -7.00
SG5 GDS E . 6.37 13.69 -6.31
CA6 GDS E . 12.23 16.40 -3.84
C6 GDS E . 12.21 17.88 -3.52
OE7 GDS E . 11.50 18.66 -4.22
OE8 GDS E . 12.92 18.31 -2.58
N6 GDS E . 13.52 15.88 -3.46
CB6 GDS E . 11.19 15.61 -3.07
CG6 GDS E . 9.76 16.00 -3.53
CD6 GDS E . 9.48 15.51 -4.95
O6 GDS E . 10.14 14.63 -5.49
HN11 GDS E . 11.73 16.08 -13.54
HN12 GDS E . 11.62 15.41 -14.91
HA1 GDS E . 11.92 13.76 -13.35
HB11 GDS E . 9.67 14.84 -12.06
HB12 GDS E . 11.17 14.98 -11.53
HG11 GDS E . 11.23 12.54 -11.43
HG12 GDS E . 9.64 12.58 -11.66
HN2 GDS E . 10.01 11.36 -9.46
HA2 GDS E . 9.84 13.18 -7.39
HB21 GDS E . 8.51 10.65 -7.61
HB22 GDS E . 8.42 11.55 -6.31
HN3 GDS E . 11.25 12.85 -5.52
HA31 GDS E . 12.91 10.66 -5.67
HA32 GDS E . 11.97 10.73 -4.38
HN4 GDS E . 8.80 16.06 -9.38
HA41 GDS E . 9.69 18.39 -9.78
HA42 GDS E . 8.13 18.76 -9.54
HA5 GDS E . 8.56 15.04 -7.22
HN5 GDS E . 7.91 16.81 -5.16
HB51 GDS E . 5.96 15.95 -6.49
HB52 GDS E . 6.24 15.33 -7.93
HA6 GDS E . 12.05 16.31 -4.79
HN61 GDS E . 13.68 16.08 -2.58
HN62 GDS E . 14.19 16.25 -3.96
HB61 GDS E . 11.34 14.66 -3.23
HB62 GDS E . 11.29 15.80 -2.11
HG61 GDS E . 9.67 16.98 -3.49
HG62 GDS E . 9.11 15.59 -2.91
C1 EDO F . 1.75 -2.59 -8.50
O1 EDO F . 1.95 -2.88 -7.11
C2 EDO F . 0.27 -2.45 -8.82
O2 EDO F . 0.07 -2.75 -10.21
H11 EDO F . 2.26 -1.66 -8.76
H12 EDO F . 2.18 -3.40 -9.09
HO1 EDO F . 2.90 -2.95 -6.93
H21 EDO F . -0.31 -3.14 -8.21
H22 EDO F . -0.06 -1.45 -8.60
HO2 EDO F . -0.87 -2.64 -10.42
C1 GOL G . -13.01 29.98 -20.47
C1 GOL G . -13.00 29.96 -20.53
O1 GOL G . -12.74 29.01 -19.52
O1 GOL G . -12.76 29.00 -19.54
C2 GOL G . -13.61 31.18 -19.74
C2 GOL G . -13.52 31.20 -19.78
O2 GOL G . -12.78 31.70 -18.71
O2 GOL G . -12.66 31.61 -18.74
C3 GOL G . -14.94 30.66 -19.16
C3 GOL G . -13.64 32.27 -20.88
O3 GOL G . -15.48 31.67 -18.33
O3 GOL G . -12.36 32.78 -21.11
H11 GOL G . -13.63 29.67 -21.15
H11 GOL G . -13.65 29.67 -21.18
H12 GOL G . -12.21 30.25 -20.95
H12 GOL G . -12.20 30.19 -21.02
HO1 GOL G . -12.43 28.33 -19.93
HO1 GOL G . -12.08 28.56 -19.79
H2 GOL G . -13.74 31.92 -20.36
H2 GOL G . -14.37 31.01 -19.36
HO2 GOL G . -13.22 32.32 -18.31
HO2 GOL G . -11.90 31.78 -19.07
H31 GOL G . -14.78 29.83 -18.69
H31 GOL G . -14.05 31.87 -21.66
H32 GOL G . -15.54 30.42 -19.89
H32 GOL G . -14.29 32.94 -20.58
HO3 GOL G . -15.36 32.41 -18.72
HO3 GOL G . -12.16 32.59 -21.93
N1 GDS H . -6.13 -17.22 16.16
CA1 GDS H . -5.43 -16.08 15.58
C1 GDS H . -6.34 -14.88 15.65
OE1 GDS H . -5.85 -13.72 15.76
OE2 GDS H . -7.60 -15.07 15.64
CB1 GDS H . -5.06 -16.40 14.14
CG1 GDS H . -4.20 -15.26 13.58
CD1 GDS H . -3.60 -15.67 12.21
O1 GDS H . -3.74 -16.78 11.73
N2 GDS H . -2.86 -14.69 11.57
CA2 GDS H . -2.26 -14.92 10.32
C2 GDS H . -0.80 -14.58 10.40
O2 GDS H . -0.38 -13.56 10.92
CB2 GDS H . -2.83 -13.96 9.27
SG2 GDS H . -4.59 -14.19 8.91
N3 GDS H . 0.10 -15.50 9.80
CA3 GDS H . 1.49 -15.21 9.79
C3 GDS H . 2.30 -16.45 10.02
OE3 GDS H . 3.55 -16.34 10.03
OE4 GDS H . 1.72 -17.54 10.20
N4 GDS H . -5.57 -18.70 10.50
CA4 GDS H . -6.29 -19.71 11.22
C4 GDS H . -7.28 -19.12 12.20
OE5 GDS H . -7.70 -17.94 12.02
OE6 GDS H . -7.67 -19.86 13.12
C5 GDS H . -5.18 -18.93 9.20
O5 GDS H . -5.48 -20.00 8.68
CA5 GDS H . -4.39 -17.87 8.46
N5 GDS H . -3.47 -18.52 7.62
CB5 GDS H . -5.37 -17.02 7.64
SG5 GDS H . -4.62 -15.47 7.12
CA6 GDS H . 0.33 -20.21 8.69
C6 GDS H . -0.04 -21.61 8.30
OE7 GDS H . 0.89 -22.39 7.91
OE8 GDS H . -1.22 -21.99 8.38
N6 GDS H . 1.67 -20.16 9.19
CB6 GDS H . 0.27 -19.33 7.45
CG6 GDS H . -1.16 -19.15 6.87
CD6 GDS H . -2.06 -18.38 7.83
O6 GDS H . -1.59 -17.65 8.70
HN11 GDS H . -5.55 -17.94 16.22
HN12 GDS H . -6.44 -16.99 17.00
HA1 GDS H . -4.62 -15.88 16.06
HB11 GDS H . -5.86 -16.49 13.60
HB12 GDS H . -4.55 -17.23 14.11
HG11 GDS H . -4.76 -14.45 13.47
HG12 GDS H . -3.46 -15.06 14.21
HN2 GDS H . -2.76 -13.89 11.98
HA2 GDS H . -2.43 -15.86 10.07
HB21 GDS H . -2.34 -14.09 8.44
HB22 GDS H . -2.70 -13.05 9.57
HN3 GDS H . -0.22 -16.26 9.43
HA31 GDS H . 1.73 -14.83 8.93
HA32 GDS H . 1.69 -14.57 10.50
HN4 GDS H . -5.35 -17.89 10.91
HA41 GDS H . -6.78 -20.27 10.57
HA42 GDS H . -5.65 -20.27 11.72
HA5 GDS H . -3.89 -17.28 9.07
HN5 GDS H . -3.77 -19.07 6.94
HB51 GDS H . -5.64 -17.51 6.86
HB52 GDS H . -6.14 -16.81 8.20
HA6 GDS H . -0.30 -19.90 9.37
HN61 GDS H . 1.72 -20.59 10.00
HN62 GDS H . 2.24 -20.59 8.60
HB61 GDS H . 0.62 -18.46 7.68
HB62 GDS H . 0.83 -19.74 6.76
HG61 GDS H . -1.56 -20.04 6.71
HG62 GDS H . -1.10 -18.66 6.02
C1 EDO I . -31.29 -16.07 21.70
O1 EDO I . -30.86 -15.26 20.59
C2 EDO I . -32.05 -17.31 21.22
O2 EDO I . -32.79 -17.05 20.02
H11 EDO I . -30.42 -16.38 22.27
H12 EDO I . -31.94 -15.48 22.35
HO1 EDO I . -30.39 -14.48 20.92
H21 EDO I . -31.35 -18.13 21.04
H22 EDO I . -32.74 -17.63 22.00
HO2 EDO I . -33.28 -17.84 19.76
C1 EDO J . -31.26 -21.80 -2.48
O1 EDO J . -32.13 -22.03 -1.36
C2 EDO J . -31.93 -22.22 -3.77
O2 EDO J . -32.77 -21.18 -4.27
H11 EDO J . -31.00 -20.74 -2.53
H12 EDO J . -30.33 -22.37 -2.34
HO1 EDO J . -31.71 -21.72 -0.55
H21 EDO J . -31.17 -22.47 -4.52
H22 EDO J . -32.53 -23.13 -3.59
HO2 EDO J . -33.17 -21.46 -5.11
N1 GDS K . 7.88 35.06 -14.38
CA1 GDS K . 9.16 34.47 -14.07
C1 GDS K . 9.12 33.97 -12.66
OE1 GDS K . 9.78 32.94 -12.37
OE2 GDS K . 8.39 34.56 -11.81
CB1 GDS K . 10.22 35.55 -14.29
CG1 GDS K . 11.68 35.02 -14.25
CD1 GDS K . 11.95 34.02 -15.40
O1 GDS K . 11.27 34.00 -16.41
N2 GDS K . 13.05 33.16 -15.22
CA2 GDS K . 13.40 32.14 -16.17
C2 GDS K . 13.22 30.81 -15.47
O2 GDS K . 13.47 30.61 -14.29
CB2 GDS K . 14.88 32.24 -16.61
SG2 GDS K . 15.08 33.59 -17.79
N3 GDS K . 12.75 29.74 -16.26
CA3 GDS K . 12.56 28.46 -15.67
C3 GDS K . 12.89 27.34 -16.61
OE3 GDS K . 12.41 26.21 -16.35
OE4 GDS K . 13.61 27.51 -17.61
N4 GDS K . 9.97 35.09 -18.78
CA4 GDS K . 9.04 36.16 -19.00
C4 GDS K . 7.88 36.05 -18.04
OE5 GDS K . 7.85 35.10 -17.23
OE6 GDS K . 6.98 36.94 -18.10
C5 GDS K . 10.44 34.35 -19.86
O5 GDS K . 10.08 34.58 -21.02
CA5 GDS K . 11.48 33.29 -19.58
N5 GDS K . 11.18 32.16 -20.35
CB5 GDS K . 12.84 33.93 -19.99
SG5 GDS K . 14.24 32.86 -19.66
CA6 GDS K . 10.32 27.28 -20.83
C6 GDS K . 11.30 27.04 -21.94
OE7 GDS K . 12.19 26.16 -21.76
OE8 GDS K . 11.21 27.71 -23.01
N6 GDS K . 10.17 26.07 -20.04
CB6 GDS K . 10.80 28.42 -19.95
CG6 GDS K . 10.82 29.77 -20.68
CD6 GDS K . 11.12 30.91 -19.73
O6 GDS K . 11.28 30.76 -18.52
HN11 GDS K . 7.20 34.43 -14.26
HN12 GDS K . 7.71 35.76 -13.80
HA1 GDS K . 9.39 33.72 -14.65
HB11 GDS K . 10.12 36.21 -13.59
HB12 GDS K . 10.06 35.96 -15.16
HG11 GDS K . 11.83 34.56 -13.40
HG12 GDS K . 12.29 35.78 -14.34
HN2 GDS K . 13.55 33.25 -14.47
HA2 GDS K . 12.85 32.25 -16.97
HB21 GDS K . 15.43 32.41 -15.83
HB22 GDS K . 15.14 31.40 -17.02
HN3 GDS K . 12.57 29.88 -17.15
HA31 GDS K . 13.13 28.38 -14.88
HA32 GDS K . 11.62 28.37 -15.39
HN4 GDS K . 10.24 34.89 -17.93
HA41 GDS K . 8.70 36.12 -19.93
HA42 GDS K . 9.50 37.03 -18.86
HA5 GDS K . 11.51 33.01 -18.64
HN5 GDS K . 11.03 32.24 -21.25
HB51 GDS K . 12.95 34.76 -19.50
HB52 GDS K . 12.81 34.11 -20.95
HA6 GDS K . 9.45 27.51 -21.20
HN61 GDS K . 9.49 26.18 -19.46
HN62 GDS K . 10.02 25.35 -20.59
HB61 GDS K . 11.71 28.22 -19.64
HB62 GDS K . 10.21 28.50 -19.17
HG61 GDS K . 9.94 29.93 -21.10
HG62 GDS K . 11.51 29.75 -21.39
C1 EDO L . 35.54 21.19 -3.22
O1 EDO L . 35.52 20.60 -1.91
C2 EDO L . 34.15 21.63 -3.65
O2 EDO L . 33.41 22.13 -2.52
H11 EDO L . 35.94 20.46 -3.94
H12 EDO L . 36.22 22.05 -3.22
HO1 EDO L . 36.42 20.35 -1.66
H21 EDO L . 34.23 22.40 -4.40
H22 EDO L . 33.62 20.78 -4.08
HO2 EDO L . 32.51 22.38 -2.80
C1 EDO M . -4.29 32.53 -25.95
O1 EDO M . -3.48 32.53 -27.14
C2 EDO M . -4.21 33.90 -25.28
O2 EDO M . -4.20 33.72 -23.86
H11 EDO M . -5.33 32.30 -26.21
H12 EDO M . -3.93 31.75 -25.26
HO1 EDO M . -3.52 31.66 -27.56
H21 EDO M . -3.30 34.41 -25.59
H22 EDO M . -5.07 34.50 -25.57
HO2 EDO M . -4.22 34.58 -23.43
N1 GDS N . -15.36 -34.49 13.59
CA1 GDS N . -14.06 -34.44 14.20
C1 GDS N . -13.02 -34.27 13.13
OE1 GDS N . -13.16 -34.87 12.03
OE2 GDS N . -12.02 -33.53 13.33
CB1 GDS N . -13.83 -35.70 15.00
CG1 GDS N . -12.53 -35.64 15.84
CD1 GDS N . -12.60 -34.57 16.96
O1 GDS N . -13.67 -34.15 17.37
N2 GDS N . -11.40 -34.10 17.52
CA2 GDS N . -11.34 -33.09 18.55
C2 GDS N . -10.63 -31.89 17.97
O2 GDS N . -9.65 -31.99 17.21
CB2 GDS N . -10.55 -33.59 19.78
SG2 GDS N . -11.58 -34.65 20.81
N3 GDS N . -11.12 -30.63 18.33
CA3 GDS N . -10.49 -29.47 17.81
C3 GDS N . -10.41 -28.33 18.78
OE3 GDS N . -10.22 -27.18 18.31
OE4 GDS N . -10.50 -28.55 20.00
N4 GDS N . -16.42 -34.37 18.37
CA4 GDS N . -17.61 -35.07 17.94
C4 GDS N . -17.84 -34.83 16.48
OE5 GDS N . -17.06 -34.07 15.83
OE6 GDS N . -18.84 -35.37 15.96
C5 GDS N . -16.47 -33.65 19.57
O5 GDS N . -17.51 -33.59 20.21
CA5 GDS N . -15.18 -33.00 20.03
N5 GDS N . -15.47 -31.71 20.50
CB5 GDS N . -14.63 -33.90 21.18
SG5 GDS N . -13.05 -33.34 21.80
CA6 GDS N . -14.78 -26.78 20.48
C6 GDS N . -14.65 -26.63 21.98
OE7 GDS N . -13.58 -26.08 22.40
OE8 GDS N . -15.56 -27.04 22.74
N6 GDS N . -14.01 -25.76 19.81
CB6 GDS N . -14.27 -28.15 20.04
CG6 GDS N . -15.16 -29.28 20.60
CD6 GDS N . -14.75 -30.61 19.98
O6 GDS N . -13.89 -30.74 19.10
HN11 GDS N . -15.49 -33.74 13.05
HN12 GDS N . -15.42 -35.24 13.05
HA1 GDS N . -14.00 -33.68 14.81
HB11 GDS N . -14.59 -35.83 15.60
HB12 GDS N . -13.77 -36.46 14.38
HG11 GDS N . -12.38 -36.52 16.26
HG12 GDS N . -11.78 -35.42 15.25
HN2 GDS N . -10.62 -34.45 17.21
HA2 GDS N . -12.25 -32.88 18.84
HB21 GDS N . -10.26 -32.81 20.30
HB22 GDS N . -9.77 -34.08 19.47
HN3 GDS N . -11.84 -30.55 18.90
HA31 GDS N . -9.59 -29.70 17.55
HA32 GDS N . -10.98 -29.16 17.03
HN4 GDS N . -15.65 -34.40 17.87
HA41 GDS N . -18.40 -34.74 18.46
HA42 GDS N . -17.50 -36.04 18.10
HA5 GDS N . -14.52 -32.92 19.32
HN5 GDS N . -16.12 -31.58 21.14
HB51 GDS N . -15.28 -33.90 21.91
HB52 GDS N . -14.53 -34.80 20.83
HA6 GDS N . -15.72 -26.70 20.26
HN61 GDS N . -14.19 -25.78 18.91
HN62 GDS N . -14.24 -24.93 20.15
HB61 GDS N . -14.27 -28.19 19.07
HB62 GDS N . -13.35 -28.27 20.36
HG61 GDS N . -16.11 -29.10 20.38
HG62 GDS N . -15.05 -29.33 21.58
#